data_6XQY
#
_entry.id   6XQY
#
_cell.length_a   44.940
_cell.length_b   76.550
_cell.length_c   87.900
_cell.angle_alpha   90.000
_cell.angle_beta   91.636
_cell.angle_gamma   90.000
#
_symmetry.space_group_name_H-M   'P 1 21 1'
#
loop_
_entity.id
_entity.type
_entity.pdbx_description
1 polymer 'Probable peptidoglycan D,D-transpeptidase PenA'
2 non-polymer 'CHLORIDE ION'
3 water water
#
_entity_poly.entity_id   1
_entity_poly.type   'polypeptide(L)'
_entity_poly.pdbx_seq_one_letter_code
;DMLSLDQRIQTLAYEELNKAVEYHQAKAGTVVVLDARTGEILALANTPGGRNRAVTDMIEPGAAIKPFVIAKALDAGKTD
LNERLNTQPYKIGPSPVRDTHVYPSLDVRGIMQKSSNVGTSKLSARFGAEEMYDFYHELGIGVRMHSGFPGETAGLLRNW
RRWRPIEQATMSFGYGLQLSLLQLARAYTALTHDGVLLPLSFEKQAVAPQGKRIFKESTAREVRNLMVSVTEPGGTGTAG
AVDGFDVGAKTGTARKFVNGRYADNKHVATFIGFAPAKNPRVIVAVTIDEPTAHGYYGGVVAGPPFKKIMGGSLNILGIS
PTKPLTA
;
_entity_poly.pdbx_strand_id   A,B
#
loop_
_chem_comp.id
_chem_comp.type
_chem_comp.name
_chem_comp.formula
CL non-polymer 'CHLORIDE ION' 'Cl -1'
#
# COMPACT_ATOMS: atom_id res chain seq x y z
N MET A 2 12.45 26.88 11.51
CA MET A 2 11.58 27.31 12.60
C MET A 2 10.31 26.45 12.69
N LEU A 3 9.73 26.40 13.89
CA LEU A 3 8.52 25.62 14.12
C LEU A 3 7.35 26.16 13.30
N SER A 4 6.49 25.26 12.87
CA SER A 4 5.30 25.63 12.12
C SER A 4 4.17 26.12 13.00
N LEU A 5 4.24 25.93 14.32
CA LEU A 5 3.13 26.30 15.17
C LEU A 5 2.88 27.79 15.11
N ASP A 6 1.62 28.16 14.98
CA ASP A 6 1.19 29.55 15.09
C ASP A 6 0.60 29.73 16.48
N GLN A 7 1.30 30.49 17.32
CA GLN A 7 0.89 30.57 18.72
C GLN A 7 -0.48 31.20 18.88
N ARG A 8 -0.86 32.08 17.95
CA ARG A 8 -2.21 32.66 17.99
CA ARG A 8 -2.21 32.66 17.99
C ARG A 8 -3.27 31.59 17.75
N ILE A 9 -3.04 30.70 16.79
CA ILE A 9 -3.99 29.63 16.50
C ILE A 9 -3.97 28.59 17.62
N GLN A 10 -2.77 28.26 18.12
CA GLN A 10 -2.62 27.35 19.26
C GLN A 10 -3.43 27.81 20.46
N THR A 11 -3.33 29.09 20.81
CA THR A 11 -4.10 29.62 21.94
C THR A 11 -5.60 29.54 21.65
N LEU A 12 -6.00 29.99 20.45
CA LEU A 12 -7.40 29.90 20.04
C LEU A 12 -7.91 28.47 20.08
N ALA A 13 -7.12 27.51 19.62
CA ALA A 13 -7.59 26.13 19.60
C ALA A 13 -7.80 25.58 21.02
N TYR A 14 -6.84 25.83 21.91
CA TYR A 14 -6.91 25.30 23.27
C TYR A 14 -8.07 25.91 24.04
N GLU A 15 -8.29 27.22 23.89
CA GLU A 15 -9.37 27.88 24.62
C GLU A 15 -10.73 27.36 24.19
N GLU A 16 -10.98 27.30 22.88
CA GLU A 16 -12.27 26.84 22.41
C GLU A 16 -12.47 25.35 22.70
N LEU A 17 -11.41 24.55 22.57
CA LEU A 17 -11.51 23.14 22.96
C LEU A 17 -11.96 23.01 24.41
N ASN A 18 -11.35 23.80 25.30
CA ASN A 18 -11.69 23.73 26.72
C ASN A 18 -13.13 24.14 27.00
N LYS A 19 -13.58 25.24 26.39
CA LYS A 19 -14.99 25.63 26.50
C LYS A 19 -15.91 24.46 26.14
N ALA A 20 -15.62 23.81 25.01
CA ALA A 20 -16.47 22.72 24.55
C ALA A 20 -16.43 21.54 25.50
N VAL A 21 -15.23 21.16 25.97
CA VAL A 21 -15.11 19.98 26.82
C VAL A 21 -15.83 20.22 28.14
N GLU A 22 -15.72 21.42 28.69
CA GLU A 22 -16.41 21.73 29.94
C GLU A 22 -17.91 21.81 29.72
N TYR A 23 -18.34 22.56 28.71
CA TYR A 23 -19.77 22.74 28.47
C TYR A 23 -20.47 21.40 28.26
N HIS A 24 -19.86 20.48 27.54
CA HIS A 24 -20.45 19.18 27.29
C HIS A 24 -20.05 18.15 28.34
N GLN A 25 -19.38 18.57 29.41
CA GLN A 25 -18.97 17.69 30.50
C GLN A 25 -18.27 16.45 29.96
N ALA A 26 -17.29 16.67 29.09
CA ALA A 26 -16.56 15.60 28.42
C ALA A 26 -15.32 15.20 29.19
N LYS A 27 -14.82 14.00 28.88
CA LYS A 27 -13.61 13.48 29.52
C LYS A 27 -12.35 14.14 28.97
N ALA A 28 -12.32 14.43 27.67
CA ALA A 28 -11.13 14.92 27.00
C ALA A 28 -11.52 15.52 25.65
N GLY A 29 -10.53 16.06 24.96
CA GLY A 29 -10.74 16.61 23.63
C GLY A 29 -9.42 16.90 22.95
N THR A 30 -9.45 16.91 21.62
CA THR A 30 -8.25 17.18 20.85
C THR A 30 -8.58 18.09 19.68
N VAL A 31 -7.61 18.92 19.30
CA VAL A 31 -7.71 19.74 18.10
C VAL A 31 -6.41 19.67 17.32
N VAL A 32 -6.53 19.53 15.99
CA VAL A 32 -5.43 19.68 15.04
C VAL A 32 -5.81 20.80 14.09
N VAL A 33 -4.87 21.70 13.81
CA VAL A 33 -5.03 22.71 12.76
C VAL A 33 -3.85 22.59 11.82
N LEU A 34 -4.14 22.40 10.53
CA LEU A 34 -3.12 22.25 9.50
C LEU A 34 -3.24 23.35 8.47
N ASP A 35 -2.08 23.73 7.91
CA ASP A 35 -2.05 24.43 6.62
C ASP A 35 -2.47 23.47 5.51
N ALA A 36 -3.59 23.79 4.87
CA ALA A 36 -4.18 22.87 3.90
C ALA A 36 -3.35 22.74 2.63
N ARG A 37 -2.41 23.64 2.38
CA ARG A 37 -1.63 23.58 1.15
C ARG A 37 -0.23 23.03 1.36
N THR A 38 0.33 23.15 2.56
CA THR A 38 1.67 22.65 2.79
C THR A 38 1.73 21.49 3.76
N GLY A 39 0.68 21.28 4.55
CA GLY A 39 0.67 20.26 5.57
C GLY A 39 1.38 20.62 6.85
N GLU A 40 1.86 21.85 7.00
CA GLU A 40 2.52 22.17 8.25
C GLU A 40 1.49 22.26 9.37
N ILE A 41 1.92 21.86 10.56
CA ILE A 41 1.04 21.77 11.71
C ILE A 41 1.00 23.13 12.42
N LEU A 42 -0.14 23.81 12.34
CA LEU A 42 -0.28 25.13 12.92
C LEU A 42 -0.68 25.10 14.39
N ALA A 43 -1.38 24.05 14.80
CA ALA A 43 -1.85 23.97 16.17
C ALA A 43 -2.11 22.51 16.51
N LEU A 44 -1.90 22.19 17.78
CA LEU A 44 -2.08 20.84 18.31
C LEU A 44 -2.47 21.01 19.76
N ALA A 45 -3.74 20.79 20.10
CA ALA A 45 -4.22 21.06 21.45
C ALA A 45 -4.86 19.81 22.04
N ASN A 46 -4.53 19.56 23.31
CA ASN A 46 -5.07 18.44 24.06
C ASN A 46 -5.48 18.94 25.44
N THR A 47 -6.64 18.50 25.91
CA THR A 47 -7.08 18.81 27.27
C THR A 47 -7.74 17.56 27.87
N PRO A 48 -7.39 17.17 29.11
CA PRO A 48 -6.35 17.75 29.97
C PRO A 48 -4.95 17.49 29.43
N GLY A 49 -3.97 18.31 29.82
CA GLY A 49 -2.67 18.25 29.19
C GLY A 49 -1.76 17.12 29.64
N GLY A 50 -2.33 15.93 29.81
CA GLY A 50 -1.52 14.79 30.21
C GLY A 50 -0.56 14.32 29.13
N ARG A 51 -1.08 14.05 27.94
CA ARG A 51 -0.27 13.54 26.84
C ARG A 51 -0.78 14.11 25.53
N ASN A 52 -0.05 13.81 24.44
CA ASN A 52 -0.37 14.34 23.12
C ASN A 52 -1.34 13.39 22.43
N ARG A 53 -2.60 13.46 22.85
CA ARG A 53 -3.61 12.53 22.37
C ARG A 53 -3.84 12.64 20.87
N ALA A 54 -3.57 13.81 20.28
CA ALA A 54 -3.66 13.95 18.82
C ALA A 54 -2.76 12.94 18.12
N VAL A 55 -1.67 12.54 18.75
CA VAL A 55 -0.69 11.67 18.15
C VAL A 55 -0.73 10.26 18.72
N THR A 56 -1.11 10.11 20.00
CA THR A 56 -1.00 8.83 20.70
C THR A 56 -2.28 8.01 20.66
N ASP A 57 -3.44 8.65 20.58
CA ASP A 57 -4.72 7.97 20.74
C ASP A 57 -5.36 7.67 19.40
N MET A 58 -5.65 6.40 19.14
CA MET A 58 -6.36 6.07 17.90
C MET A 58 -7.86 6.01 18.16
N ILE A 59 -8.63 6.46 17.18
CA ILE A 59 -10.08 6.47 17.25
C ILE A 59 -10.62 5.86 15.98
N GLU A 60 -11.83 5.32 16.07
CA GLU A 60 -12.58 4.98 14.86
C GLU A 60 -13.08 6.28 14.23
N PRO A 61 -12.75 6.56 12.97
CA PRO A 61 -13.10 7.87 12.43
C PRO A 61 -14.58 8.06 12.18
N GLY A 62 -15.37 6.98 12.12
CA GLY A 62 -16.77 7.16 11.81
C GLY A 62 -16.94 7.82 10.44
N ALA A 63 -17.98 8.63 10.32
CA ALA A 63 -18.34 9.24 9.05
C ALA A 63 -17.24 10.12 8.47
N ALA A 64 -16.24 10.49 9.28
CA ALA A 64 -15.17 11.34 8.77
C ALA A 64 -14.37 10.64 7.67
N ILE A 65 -14.50 9.31 7.53
CA ILE A 65 -13.79 8.58 6.49
C ILE A 65 -14.57 8.58 5.17
N LYS A 66 -15.87 8.87 5.22
CA LYS A 66 -16.71 8.70 4.03
C LYS A 66 -16.26 9.50 2.83
N PRO A 67 -15.77 10.75 2.94
CA PRO A 67 -15.33 11.47 1.74
C PRO A 67 -14.32 10.71 0.92
N PHE A 68 -13.44 9.92 1.56
CA PHE A 68 -12.39 9.22 0.83
C PHE A 68 -12.94 8.07 0.03
N VAL A 69 -13.92 7.35 0.59
CA VAL A 69 -14.60 6.29 -0.14
C VAL A 69 -15.34 6.86 -1.33
N ILE A 70 -16.09 7.95 -1.12
CA ILE A 70 -16.78 8.62 -2.20
C ILE A 70 -15.78 9.11 -3.24
N ALA A 71 -14.68 9.73 -2.79
CA ALA A 71 -13.67 10.18 -3.74
C ALA A 71 -13.10 9.01 -4.53
N LYS A 72 -12.81 7.90 -3.86
CA LYS A 72 -12.23 6.76 -4.58
C LYS A 72 -13.21 6.21 -5.62
N ALA A 73 -14.49 6.10 -5.26
CA ALA A 73 -15.49 5.62 -6.21
C ALA A 73 -15.60 6.55 -7.42
N LEU A 74 -15.58 7.87 -7.19
CA LEU A 74 -15.58 8.80 -8.31
C LEU A 74 -14.29 8.69 -9.12
N ASP A 75 -13.16 8.62 -8.43
CA ASP A 75 -11.87 8.61 -9.10
C ASP A 75 -11.73 7.41 -10.02
N ALA A 76 -12.20 6.25 -9.59
CA ALA A 76 -12.06 5.04 -10.39
C ALA A 76 -13.17 4.87 -11.42
N GLY A 77 -14.13 5.77 -11.48
CA GLY A 77 -15.24 5.62 -12.40
C GLY A 77 -16.26 4.58 -12.02
N LYS A 78 -16.33 4.18 -10.73
CA LYS A 78 -17.36 3.27 -10.26
C LYS A 78 -18.69 3.96 -10.00
N THR A 79 -18.69 5.29 -9.96
CA THR A 79 -19.92 6.06 -9.87
C THR A 79 -19.64 7.41 -10.50
N ASP A 80 -20.68 8.24 -10.60
CA ASP A 80 -20.54 9.59 -11.09
C ASP A 80 -21.55 10.47 -10.35
N LEU A 81 -21.56 11.75 -10.69
CA LEU A 81 -22.38 12.71 -9.97
C LEU A 81 -23.85 12.64 -10.32
N ASN A 82 -24.23 11.78 -11.27
CA ASN A 82 -25.62 11.69 -11.68
C ASN A 82 -26.32 10.44 -11.14
N GLU A 83 -25.57 9.42 -10.76
CA GLU A 83 -26.19 8.18 -10.32
C GLU A 83 -27.00 8.42 -9.06
N ARG A 84 -28.21 7.85 -9.02
CA ARG A 84 -28.98 7.78 -7.79
C ARG A 84 -28.92 6.34 -7.28
N LEU A 85 -28.40 6.17 -6.08
CA LEU A 85 -28.29 4.84 -5.49
C LEU A 85 -29.49 4.55 -4.61
N ASN A 86 -29.99 3.32 -4.69
CA ASN A 86 -30.90 2.82 -3.68
C ASN A 86 -30.20 2.83 -2.34
N THR A 87 -30.73 3.60 -1.38
CA THR A 87 -30.11 3.69 -0.07
C THR A 87 -31.02 3.15 1.03
N GLN A 88 -31.93 2.24 0.68
CA GLN A 88 -32.71 1.54 1.70
C GLN A 88 -31.78 0.74 2.61
N PRO A 89 -32.05 0.70 3.91
CA PRO A 89 -31.25 -0.12 4.82
C PRO A 89 -31.31 -1.60 4.45
N TYR A 90 -30.24 -2.31 4.80
CA TYR A 90 -30.18 -3.74 4.51
C TYR A 90 -29.39 -4.44 5.61
N LYS A 91 -29.29 -5.75 5.48
CA LYS A 91 -28.46 -6.59 6.33
C LYS A 91 -27.51 -7.40 5.46
N ILE A 92 -26.35 -7.72 6.01
CA ILE A 92 -25.49 -8.76 5.48
C ILE A 92 -25.44 -9.84 6.55
N GLY A 93 -26.08 -10.98 6.28
CA GLY A 93 -26.34 -11.94 7.31
C GLY A 93 -27.17 -11.31 8.41
N PRO A 94 -26.75 -11.48 9.67
CA PRO A 94 -27.50 -10.85 10.77
C PRO A 94 -27.18 -9.38 11.00
N SER A 95 -26.14 -8.79 10.34
CA SER A 95 -25.69 -7.45 10.73
C SER A 95 -26.35 -6.36 9.88
N PRO A 96 -26.98 -5.37 10.50
CA PRO A 96 -27.60 -4.29 9.74
C PRO A 96 -26.63 -3.22 9.27
N VAL A 97 -26.96 -2.63 8.12
CA VAL A 97 -26.36 -1.39 7.62
C VAL A 97 -27.50 -0.43 7.41
N ARG A 98 -27.48 0.69 8.13
N ARG A 98 -27.52 0.68 8.14
CA ARG A 98 -28.60 1.62 8.11
CA ARG A 98 -28.62 1.62 7.99
C ARG A 98 -28.09 3.03 8.32
C ARG A 98 -28.18 3.01 8.41
N ASP A 99 -28.91 4.00 7.91
CA ASP A 99 -28.66 5.41 8.19
C ASP A 99 -29.58 5.85 9.33
N THR A 100 -29.38 7.09 9.78
CA THR A 100 -30.24 7.61 10.84
C THR A 100 -31.70 7.68 10.39
N HIS A 101 -31.92 7.99 9.11
CA HIS A 101 -33.24 7.98 8.48
C HIS A 101 -33.22 7.01 7.30
N VAL A 102 -34.41 6.60 6.86
CA VAL A 102 -34.53 5.83 5.63
C VAL A 102 -34.61 6.82 4.48
N TYR A 103 -33.57 6.84 3.64
CA TYR A 103 -33.60 7.59 2.40
C TYR A 103 -33.75 6.60 1.26
N PRO A 104 -34.85 6.62 0.52
CA PRO A 104 -35.04 5.60 -0.53
C PRO A 104 -33.99 5.68 -1.62
N SER A 105 -33.55 6.88 -1.98
CA SER A 105 -32.48 7.02 -2.97
C SER A 105 -31.76 8.34 -2.73
N LEU A 106 -30.45 8.32 -2.97
CA LEU A 106 -29.61 9.49 -2.89
C LEU A 106 -28.62 9.47 -4.04
N ASP A 107 -28.28 10.64 -4.55
CA ASP A 107 -27.10 10.70 -5.38
C ASP A 107 -25.87 10.86 -4.47
N VAL A 108 -24.70 11.02 -5.09
CA VAL A 108 -23.46 11.08 -4.32
C VAL A 108 -23.44 12.33 -3.44
N ARG A 109 -23.94 13.45 -3.94
CA ARG A 109 -24.05 14.64 -3.09
C ARG A 109 -24.91 14.36 -1.86
N GLY A 110 -26.04 13.66 -2.06
CA GLY A 110 -26.90 13.32 -0.93
C GLY A 110 -26.24 12.37 0.05
N ILE A 111 -25.50 11.39 -0.46
CA ILE A 111 -24.78 10.47 0.42
C ILE A 111 -23.83 11.24 1.33
N MET A 112 -23.14 12.25 0.76
CA MET A 112 -22.27 13.11 1.55
C MET A 112 -23.08 13.99 2.48
N GLN A 113 -24.10 14.65 1.95
CA GLN A 113 -24.84 15.66 2.71
C GLN A 113 -25.56 15.05 3.90
N LYS A 114 -26.23 13.92 3.69
CA LYS A 114 -26.99 13.25 4.74
C LYS A 114 -26.15 12.22 5.50
N SER A 115 -24.92 11.97 5.05
CA SER A 115 -24.01 11.02 5.70
C SER A 115 -24.63 9.62 5.72
N SER A 116 -24.89 9.10 4.53
CA SER A 116 -25.55 7.80 4.38
C SER A 116 -24.52 6.67 4.55
N ASN A 117 -24.64 5.90 5.64
CA ASN A 117 -23.85 4.68 5.76
C ASN A 117 -24.19 3.72 4.62
N VAL A 118 -25.47 3.66 4.23
CA VAL A 118 -25.87 2.72 3.20
C VAL A 118 -25.22 3.07 1.88
N GLY A 119 -25.33 4.32 1.46
CA GLY A 119 -24.77 4.70 0.17
C GLY A 119 -23.27 4.50 0.11
N THR A 120 -22.57 4.87 1.19
CA THR A 120 -21.12 4.74 1.22
C THR A 120 -20.70 3.27 1.17
N SER A 121 -21.41 2.41 1.89
CA SER A 121 -21.07 1.00 1.88
C SER A 121 -21.29 0.38 0.50
N LYS A 122 -22.32 0.83 -0.22
CA LYS A 122 -22.57 0.28 -1.55
C LYS A 122 -21.49 0.72 -2.53
N LEU A 123 -21.01 1.95 -2.40
CA LEU A 123 -19.89 2.39 -3.23
C LEU A 123 -18.62 1.61 -2.92
N SER A 124 -18.33 1.39 -1.63
CA SER A 124 -17.18 0.61 -1.23
C SER A 124 -17.26 -0.82 -1.75
N ALA A 125 -18.46 -1.41 -1.74
CA ALA A 125 -18.61 -2.78 -2.20
C ALA A 125 -18.35 -2.95 -3.69
N ARG A 126 -18.24 -1.85 -4.43
CA ARG A 126 -17.85 -1.98 -5.83
C ARG A 126 -16.36 -2.24 -6.00
N PHE A 127 -15.61 -2.27 -4.91
CA PHE A 127 -14.19 -2.60 -4.91
C PHE A 127 -13.97 -3.87 -4.11
N GLY A 128 -12.93 -4.61 -4.45
CA GLY A 128 -12.55 -5.76 -3.65
C GLY A 128 -11.92 -5.36 -2.33
N ALA A 129 -11.91 -6.30 -1.39
CA ALA A 129 -11.33 -6.02 -0.07
C ALA A 129 -9.86 -5.62 -0.20
N GLU A 130 -9.10 -6.32 -1.02
CA GLU A 130 -7.66 -6.03 -1.11
C GLU A 130 -7.43 -4.62 -1.67
N GLU A 131 -8.20 -4.22 -2.68
CA GLU A 131 -8.13 -2.85 -3.20
C GLU A 131 -8.43 -1.82 -2.11
N MET A 132 -9.49 -2.05 -1.36
CA MET A 132 -9.87 -1.05 -0.33
C MET A 132 -8.82 -1.00 0.78
N TYR A 133 -8.28 -2.16 1.16
CA TYR A 133 -7.19 -2.22 2.13
C TYR A 133 -5.98 -1.40 1.68
N ASP A 134 -5.54 -1.60 0.42
CA ASP A 134 -4.40 -0.82 -0.09
C ASP A 134 -4.73 0.67 -0.06
N PHE A 135 -5.97 1.02 -0.36
CA PHE A 135 -6.38 2.42 -0.38
C PHE A 135 -6.29 3.04 1.01
N TYR A 136 -6.87 2.37 2.02
CA TYR A 136 -6.76 2.86 3.38
C TYR A 136 -5.29 2.96 3.81
N HIS A 137 -4.48 1.98 3.43
CA HIS A 137 -3.08 2.01 3.79
C HIS A 137 -2.36 3.19 3.12
N GLU A 138 -2.68 3.47 1.85
CA GLU A 138 -1.99 4.58 1.19
C GLU A 138 -2.46 5.94 1.73
N LEU A 139 -3.66 6.00 2.31
CA LEU A 139 -4.07 7.19 3.06
C LEU A 139 -3.26 7.35 4.33
N GLY A 140 -2.52 6.33 4.74
CA GLY A 140 -1.69 6.37 5.92
C GLY A 140 -2.26 5.64 7.12
N ILE A 141 -3.40 4.99 6.99
CA ILE A 141 -3.98 4.26 8.11
C ILE A 141 -3.14 3.01 8.35
N GLY A 142 -2.66 2.85 9.59
CA GLY A 142 -1.72 1.80 9.91
C GLY A 142 -0.26 2.13 9.71
N VAL A 143 0.05 3.36 9.28
CA VAL A 143 1.41 3.80 8.99
C VAL A 143 1.78 4.87 10.00
N ARG A 144 2.85 4.63 10.77
CA ARG A 144 3.29 5.59 11.76
C ARG A 144 3.66 6.92 11.11
N MET A 145 3.37 8.02 11.81
CA MET A 145 3.73 9.37 11.38
C MET A 145 5.18 9.72 11.71
N HIS A 146 5.80 8.98 12.63
CA HIS A 146 7.12 9.31 13.17
C HIS A 146 7.22 10.79 13.55
N SER A 147 6.22 11.24 14.31
CA SER A 147 6.19 12.61 14.81
C SER A 147 7.29 12.88 15.83
N GLY A 148 7.89 11.84 16.40
CA GLY A 148 8.85 12.03 17.46
C GLY A 148 8.25 12.07 18.86
N PHE A 149 6.92 12.02 18.99
CA PHE A 149 6.34 11.92 20.32
C PHE A 149 6.33 10.46 20.78
N PRO A 150 6.71 10.19 22.03
CA PRO A 150 6.67 8.81 22.53
C PRO A 150 5.24 8.31 22.65
N GLY A 151 5.07 7.01 22.46
CA GLY A 151 3.74 6.43 22.49
C GLY A 151 2.91 6.70 21.25
N GLU A 152 3.51 7.24 20.20
CA GLU A 152 2.82 7.47 18.94
C GLU A 152 2.19 6.17 18.43
N THR A 153 0.96 6.26 17.95
CA THR A 153 0.24 5.09 17.44
C THR A 153 0.37 4.98 15.93
N ALA A 154 0.35 3.74 15.44
CA ALA A 154 0.24 3.50 14.01
C ALA A 154 -1.20 3.48 13.54
N GLY A 155 -2.16 3.34 14.46
CA GLY A 155 -3.53 3.10 14.07
C GLY A 155 -3.74 1.61 13.87
N LEU A 156 -4.90 1.25 13.32
CA LEU A 156 -5.26 -0.16 13.16
C LEU A 156 -5.86 -0.35 11.78
N LEU A 157 -5.25 -1.20 10.96
CA LEU A 157 -5.81 -1.59 9.68
C LEU A 157 -5.67 -3.10 9.59
N ARG A 158 -6.78 -3.81 9.73
CA ARG A 158 -6.72 -5.27 9.73
C ARG A 158 -6.40 -5.77 8.32
N ASN A 159 -5.59 -6.83 8.26
CA ASN A 159 -5.24 -7.49 7.01
C ASN A 159 -6.48 -7.89 6.20
N TRP A 160 -6.49 -7.54 4.90
CA TRP A 160 -7.69 -7.70 4.08
C TRP A 160 -8.14 -9.15 3.98
N ARG A 161 -7.23 -10.10 4.13
CA ARG A 161 -7.63 -11.51 4.06
C ARG A 161 -8.53 -11.93 5.22
N ARG A 162 -8.56 -11.15 6.30
CA ARG A 162 -9.42 -11.43 7.44
C ARG A 162 -10.74 -10.68 7.41
N TRP A 163 -10.96 -9.81 6.41
CA TRP A 163 -12.20 -9.03 6.35
C TRP A 163 -13.37 -9.91 5.96
N ARG A 164 -14.44 -9.87 6.76
CA ARG A 164 -15.75 -10.33 6.32
C ARG A 164 -16.43 -9.25 5.49
N PRO A 165 -17.38 -9.62 4.62
CA PRO A 165 -18.06 -8.59 3.82
C PRO A 165 -18.74 -7.50 4.65
N ILE A 166 -19.37 -7.84 5.78
CA ILE A 166 -19.93 -6.80 6.63
C ILE A 166 -18.83 -5.88 7.16
N GLU A 167 -17.62 -6.41 7.35
CA GLU A 167 -16.55 -5.58 7.91
C GLU A 167 -16.03 -4.58 6.88
N GLN A 168 -15.94 -4.99 5.61
CA GLN A 168 -15.62 -4.01 4.57
C GLN A 168 -16.63 -2.87 4.56
N ALA A 169 -17.92 -3.22 4.70
CA ALA A 169 -18.97 -2.21 4.70
C ALA A 169 -18.80 -1.25 5.88
N THR A 170 -18.58 -1.78 7.09
CA THR A 170 -18.51 -0.87 8.25
C THR A 170 -17.23 -0.03 8.22
N MET A 171 -16.13 -0.57 7.67
CA MET A 171 -14.93 0.25 7.49
C MET A 171 -15.20 1.42 6.56
N SER A 172 -16.04 1.24 5.54
CA SER A 172 -16.29 2.33 4.59
C SER A 172 -17.01 3.50 5.25
N PHE A 173 -17.77 3.25 6.33
CA PHE A 173 -18.30 4.37 7.09
C PHE A 173 -17.64 4.50 8.47
N GLY A 174 -16.44 3.95 8.65
CA GLY A 174 -15.54 4.38 9.70
C GLY A 174 -15.49 3.55 10.97
N TYR A 175 -15.91 2.30 10.95
CA TYR A 175 -15.83 1.43 12.12
C TYR A 175 -15.05 0.18 11.75
N GLY A 176 -14.13 -0.23 12.63
CA GLY A 176 -13.29 -1.38 12.39
C GLY A 176 -11.89 -1.04 11.93
N LEU A 177 -11.61 0.23 11.69
CA LEU A 177 -10.26 0.72 11.49
C LEU A 177 -10.09 1.94 12.39
N GLN A 178 -8.84 2.26 12.70
CA GLN A 178 -8.58 3.29 13.69
C GLN A 178 -7.37 4.10 13.29
N LEU A 179 -7.39 5.38 13.65
CA LEU A 179 -6.25 6.24 13.36
C LEU A 179 -6.30 7.41 14.34
N SER A 180 -5.16 8.06 14.50
CA SER A 180 -5.14 9.22 15.39
C SER A 180 -5.73 10.43 14.69
N LEU A 181 -6.10 11.45 15.48
CA LEU A 181 -6.62 12.66 14.87
C LEU A 181 -5.61 13.30 13.92
N LEU A 182 -4.31 13.19 14.21
CA LEU A 182 -3.32 13.75 13.30
C LEU A 182 -3.29 12.96 11.98
N GLN A 183 -3.41 11.65 12.05
CA GLN A 183 -3.50 10.84 10.83
C GLN A 183 -4.72 11.19 9.99
N LEU A 184 -5.84 11.47 10.66
CA LEU A 184 -7.07 11.82 9.95
C LEU A 184 -6.94 13.19 9.30
N ALA A 185 -6.48 14.18 10.07
CA ALA A 185 -6.18 15.49 9.46
C ALA A 185 -5.22 15.35 8.28
N ARG A 186 -4.19 14.51 8.40
CA ARG A 186 -3.30 14.30 7.27
C ARG A 186 -4.06 13.80 6.05
N ALA A 187 -4.95 12.82 6.24
CA ALA A 187 -5.69 12.27 5.10
C ALA A 187 -6.45 13.36 4.39
N TYR A 188 -6.97 14.33 5.12
CA TYR A 188 -7.70 15.41 4.48
C TYR A 188 -6.83 16.27 3.55
N THR A 189 -5.49 16.26 3.69
CA THR A 189 -4.70 17.02 2.71
C THR A 189 -4.85 16.44 1.31
N ALA A 190 -5.16 15.14 1.18
CA ALA A 190 -5.43 14.62 -0.15
C ALA A 190 -6.61 15.33 -0.79
N LEU A 191 -7.57 15.80 0.00
CA LEU A 191 -8.70 16.51 -0.58
C LEU A 191 -8.43 18.01 -0.80
N THR A 192 -7.76 18.65 0.16
CA THR A 192 -7.54 20.08 0.02
C THR A 192 -6.42 20.40 -0.95
N HIS A 193 -5.40 19.56 -1.02
CA HIS A 193 -4.27 19.79 -1.94
C HIS A 193 -4.48 19.11 -3.28
N ASP A 194 -5.69 19.23 -3.83
CA ASP A 194 -6.02 18.82 -5.20
C ASP A 194 -5.58 17.39 -5.52
N GLY A 195 -5.86 16.49 -4.59
CA GLY A 195 -5.60 15.06 -4.80
C GLY A 195 -4.28 14.55 -4.28
N VAL A 196 -3.41 15.40 -3.75
CA VAL A 196 -2.05 15.04 -3.38
C VAL A 196 -1.96 14.99 -1.87
N LEU A 197 -1.75 13.78 -1.34
CA LEU A 197 -1.56 13.58 0.09
C LEU A 197 -0.22 14.17 0.53
N LEU A 198 -0.22 14.98 1.68
CA LEU A 198 1.01 15.60 2.16
C LEU A 198 1.54 14.85 3.38
N PRO A 199 2.86 14.89 3.61
CA PRO A 199 3.43 14.14 4.74
C PRO A 199 3.22 14.77 6.10
N LEU A 200 2.93 16.08 6.14
CA LEU A 200 2.81 16.92 7.33
C LEU A 200 4.19 17.29 7.85
N SER A 201 4.27 18.38 8.60
CA SER A 201 5.56 18.85 9.05
C SER A 201 5.36 19.75 10.25
N PHE A 202 6.32 19.70 11.17
CA PHE A 202 6.38 20.64 12.28
C PHE A 202 7.23 21.86 11.97
N GLU A 203 7.86 21.91 10.79
CA GLU A 203 8.63 23.07 10.37
C GLU A 203 7.92 23.81 9.25
N LYS A 204 8.10 25.14 9.22
CA LYS A 204 7.51 25.96 8.17
C LYS A 204 8.01 25.54 6.79
N GLN A 205 7.11 25.59 5.82
CA GLN A 205 7.37 25.11 4.47
C GLN A 205 7.27 26.31 3.53
N ALA A 206 8.38 26.69 2.91
CA ALA A 206 8.37 27.81 1.97
C ALA A 206 7.50 27.52 0.75
N VAL A 207 7.41 26.25 0.38
CA VAL A 207 6.58 25.78 -0.71
C VAL A 207 6.03 24.42 -0.29
N ALA A 208 4.89 24.05 -0.83
CA ALA A 208 4.31 22.76 -0.52
C ALA A 208 5.32 21.66 -0.82
N PRO A 209 5.59 20.75 0.11
CA PRO A 209 6.58 19.71 -0.15
C PRO A 209 6.02 18.73 -1.18
N GLN A 210 6.92 17.88 -1.67
CA GLN A 210 6.49 16.84 -2.60
C GLN A 210 5.58 15.87 -1.86
N GLY A 211 4.38 15.69 -2.39
CA GLY A 211 3.42 14.78 -1.85
C GLY A 211 3.29 13.50 -2.66
N LYS A 212 2.16 12.85 -2.48
CA LYS A 212 1.87 11.60 -3.17
C LYS A 212 0.47 11.72 -3.72
N ARG A 213 0.31 11.61 -5.05
CA ARG A 213 -1.03 11.74 -5.62
C ARG A 213 -1.87 10.52 -5.27
N ILE A 214 -3.09 10.77 -4.76
CA ILE A 214 -4.04 9.72 -4.43
C ILE A 214 -5.30 9.83 -5.29
N PHE A 215 -5.69 11.05 -5.65
CA PHE A 215 -6.86 11.26 -6.48
C PHE A 215 -6.46 12.19 -7.62
N LYS A 216 -7.21 12.13 -8.72
CA LYS A 216 -7.10 13.16 -9.73
C LYS A 216 -7.52 14.50 -9.14
N GLU A 217 -6.93 15.58 -9.66
CA GLU A 217 -7.33 16.89 -9.18
C GLU A 217 -8.82 17.15 -9.36
N SER A 218 -9.38 16.74 -10.50
CA SER A 218 -10.81 17.01 -10.74
C SER A 218 -11.68 16.29 -9.71
N THR A 219 -11.29 15.07 -9.33
CA THR A 219 -12.00 14.35 -8.27
C THR A 219 -11.97 15.11 -6.96
N ALA A 220 -10.77 15.53 -6.54
CA ALA A 220 -10.66 16.25 -5.29
C ALA A 220 -11.53 17.51 -5.31
N ARG A 221 -11.50 18.26 -6.41
CA ARG A 221 -12.30 19.48 -6.47
C ARG A 221 -13.79 19.20 -6.39
N GLU A 222 -14.27 18.16 -7.09
CA GLU A 222 -15.69 17.84 -7.01
C GLU A 222 -16.07 17.41 -5.59
N VAL A 223 -15.19 16.64 -4.94
CA VAL A 223 -15.48 16.18 -3.59
C VAL A 223 -15.50 17.34 -2.60
N ARG A 224 -14.62 18.34 -2.78
CA ARG A 224 -14.69 19.50 -1.90
C ARG A 224 -16.04 20.21 -2.03
N ASN A 225 -16.57 20.29 -3.26
CA ASN A 225 -17.84 20.96 -3.49
C ASN A 225 -18.99 20.18 -2.86
N LEU A 226 -18.93 18.85 -2.94
CA LEU A 226 -19.90 18.00 -2.26
C LEU A 226 -19.86 18.23 -0.76
N MET A 227 -18.67 18.41 -0.19
CA MET A 227 -18.58 18.54 1.26
C MET A 227 -19.10 19.88 1.76
N VAL A 228 -19.27 20.87 0.88
CA VAL A 228 -19.89 22.12 1.32
C VAL A 228 -21.35 21.89 1.70
N SER A 229 -22.01 20.92 1.06
CA SER A 229 -23.41 20.68 1.39
C SER A 229 -23.58 20.19 2.82
N VAL A 230 -22.52 19.65 3.43
CA VAL A 230 -22.61 19.19 4.82
C VAL A 230 -22.87 20.34 5.77
N THR A 231 -22.33 21.54 5.47
CA THR A 231 -22.48 22.71 6.35
C THR A 231 -23.57 23.66 5.92
N GLU A 232 -24.24 23.39 4.80
CA GLU A 232 -25.37 24.18 4.36
C GLU A 232 -26.68 23.55 4.79
N PRO A 233 -27.76 24.31 4.88
CA PRO A 233 -29.06 23.73 5.30
C PRO A 233 -29.38 22.46 4.54
N GLY A 234 -29.79 21.43 5.29
CA GLY A 234 -29.99 20.11 4.76
C GLY A 234 -28.85 19.15 5.06
N GLY A 235 -27.69 19.67 5.47
CA GLY A 235 -26.55 18.85 5.79
C GLY A 235 -26.46 18.56 7.29
N THR A 236 -25.61 17.59 7.63
CA THR A 236 -25.48 17.19 9.03
C THR A 236 -24.58 18.08 9.84
N GLY A 237 -23.81 18.95 9.21
CA GLY A 237 -22.82 19.72 9.93
C GLY A 237 -23.00 21.22 9.87
N THR A 238 -24.26 21.69 9.84
CA THR A 238 -24.48 23.14 9.77
C THR A 238 -23.95 23.87 10.99
N ALA A 239 -23.75 23.18 12.12
CA ALA A 239 -23.20 23.88 13.27
C ALA A 239 -21.75 24.30 13.04
N GLY A 240 -21.10 23.80 12.00
CA GLY A 240 -19.76 24.22 11.66
C GLY A 240 -19.66 25.27 10.59
N ALA A 241 -20.80 25.77 10.08
CA ALA A 241 -20.74 26.85 9.09
C ALA A 241 -20.01 28.04 9.69
N VAL A 242 -19.20 28.71 8.88
CA VAL A 242 -18.47 29.91 9.28
C VAL A 242 -18.97 31.06 8.43
N ASP A 243 -19.33 32.17 9.08
CA ASP A 243 -19.88 33.30 8.35
C ASP A 243 -18.86 33.82 7.35
N GLY A 244 -19.33 34.07 6.12
CA GLY A 244 -18.52 34.63 5.07
C GLY A 244 -17.73 33.64 4.25
N PHE A 245 -17.77 32.34 4.60
CA PHE A 245 -16.98 31.33 3.91
C PHE A 245 -17.84 30.14 3.52
N ASP A 246 -17.41 29.44 2.48
CA ASP A 246 -17.88 28.09 2.19
C ASP A 246 -16.97 27.10 2.91
N VAL A 247 -17.56 26.22 3.72
CA VAL A 247 -16.81 25.27 4.53
C VAL A 247 -17.18 23.87 4.06
N GLY A 248 -16.18 23.10 3.65
CA GLY A 248 -16.38 21.68 3.40
C GLY A 248 -16.05 20.93 4.67
N ALA A 249 -16.92 20.01 5.07
CA ALA A 249 -16.69 19.35 6.34
C ALA A 249 -17.36 17.99 6.37
N LYS A 250 -17.01 17.24 7.40
CA LYS A 250 -17.68 16.00 7.74
C LYS A 250 -17.78 15.90 9.25
N THR A 251 -18.88 15.37 9.72
CA THR A 251 -19.11 15.18 11.13
C THR A 251 -19.30 13.70 11.39
N GLY A 252 -18.95 13.26 12.59
CA GLY A 252 -19.04 11.84 12.86
C GLY A 252 -19.17 11.57 14.34
N THR A 253 -19.72 10.40 14.63
CA THR A 253 -19.94 9.94 15.99
C THR A 253 -19.41 8.52 16.12
N ALA A 254 -18.36 8.33 16.90
CA ALA A 254 -17.86 7.00 17.19
C ALA A 254 -18.55 6.45 18.42
N ARG A 255 -18.39 5.14 18.64
CA ARG A 255 -18.92 4.46 19.81
C ARG A 255 -17.76 3.84 20.56
N LYS A 256 -17.86 3.85 21.88
CA LYS A 256 -16.72 3.54 22.73
C LYS A 256 -16.91 2.22 23.49
N LYS A 266 -21.70 5.99 25.71
CA LYS A 266 -20.37 6.49 25.42
C LYS A 266 -20.17 6.73 23.92
N HIS A 267 -19.61 7.88 23.58
CA HIS A 267 -19.49 8.34 22.19
C HIS A 267 -18.30 9.28 22.06
N VAL A 268 -17.71 9.31 20.87
CA VAL A 268 -16.67 10.27 20.54
C VAL A 268 -17.21 11.10 19.38
N ALA A 269 -17.34 12.40 19.60
CA ALA A 269 -17.87 13.33 18.62
C ALA A 269 -16.75 13.99 17.83
N THR A 270 -16.84 13.94 16.51
CA THR A 270 -15.79 14.42 15.64
C THR A 270 -16.36 15.41 14.63
N PHE A 271 -15.57 16.44 14.33
CA PHE A 271 -15.90 17.41 13.30
C PHE A 271 -14.60 17.83 12.64
N ILE A 272 -14.51 17.66 11.32
CA ILE A 272 -13.31 17.99 10.57
C ILE A 272 -13.70 18.70 9.29
N GLY A 273 -12.97 19.75 8.93
CA GLY A 273 -13.33 20.53 7.77
C GLY A 273 -12.23 21.46 7.34
N PHE A 274 -12.51 22.17 6.25
CA PHE A 274 -11.52 23.03 5.61
C PHE A 274 -12.26 24.20 4.98
N ALA A 275 -11.52 25.30 4.80
CA ALA A 275 -12.05 26.52 4.20
C ALA A 275 -10.88 27.38 3.76
N PRO A 276 -11.06 28.26 2.75
CA PRO A 276 -12.21 28.35 1.85
C PRO A 276 -12.34 27.07 1.03
N ALA A 277 -13.55 26.54 0.88
CA ALA A 277 -13.67 25.19 0.32
C ALA A 277 -13.09 25.09 -1.08
N LYS A 278 -13.21 26.17 -1.87
CA LYS A 278 -12.75 26.13 -3.26
C LYS A 278 -11.22 26.17 -3.34
N ASN A 279 -10.59 26.99 -2.50
CA ASN A 279 -9.13 27.12 -2.46
C ASN A 279 -8.71 27.05 -1.00
N PRO A 280 -8.65 25.85 -0.43
CA PRO A 280 -8.52 25.72 1.03
C PRO A 280 -7.19 26.26 1.52
N ARG A 281 -7.25 26.87 2.70
CA ARG A 281 -6.07 27.36 3.38
CA ARG A 281 -6.11 27.40 3.40
C ARG A 281 -5.83 26.69 4.72
N VAL A 282 -6.88 26.21 5.38
CA VAL A 282 -6.82 25.68 6.74
C VAL A 282 -7.65 24.41 6.82
N ILE A 283 -7.11 23.40 7.50
CA ILE A 283 -7.86 22.25 7.98
C ILE A 283 -7.93 22.31 9.50
N VAL A 284 -9.15 22.18 10.05
CA VAL A 284 -9.40 22.12 11.48
C VAL A 284 -10.11 20.80 11.78
N ALA A 285 -9.57 20.03 12.73
CA ALA A 285 -10.13 18.74 13.15
C ALA A 285 -10.35 18.79 14.66
N VAL A 286 -11.57 18.48 15.09
CA VAL A 286 -11.93 18.52 16.51
C VAL A 286 -12.55 17.18 16.88
N THR A 287 -12.11 16.62 18.01
CA THR A 287 -12.78 15.48 18.61
C THR A 287 -13.02 15.76 20.08
N ILE A 288 -14.20 15.37 20.55
CA ILE A 288 -14.59 15.51 21.95
C ILE A 288 -14.85 14.11 22.47
N ASP A 289 -14.06 13.68 23.44
CA ASP A 289 -14.17 12.35 24.01
C ASP A 289 -15.25 12.35 25.09
N GLU A 290 -16.25 11.47 24.93
CA GLU A 290 -17.25 11.16 25.95
C GLU A 290 -18.04 12.39 26.41
N PRO A 291 -18.71 13.11 25.52
CA PRO A 291 -19.59 14.20 25.99
C PRO A 291 -20.78 13.62 26.74
N THR A 292 -21.15 14.29 27.83
CA THR A 292 -22.28 13.81 28.63
C THR A 292 -23.37 14.85 28.80
N ALA A 293 -23.19 16.08 28.31
CA ALA A 293 -24.17 17.14 28.43
C ALA A 293 -24.35 17.84 27.10
N HIS A 294 -25.59 18.27 26.83
CA HIS A 294 -25.93 19.09 25.67
C HIS A 294 -25.56 18.41 24.35
N GLY A 295 -25.96 17.15 24.22
CA GLY A 295 -25.83 16.42 22.98
C GLY A 295 -24.58 15.55 22.92
N TYR A 296 -24.55 14.68 21.92
CA TYR A 296 -23.39 13.82 21.72
C TYR A 296 -22.98 13.65 20.27
N TYR A 297 -23.77 14.12 19.30
CA TYR A 297 -23.39 13.95 17.90
C TYR A 297 -22.24 14.90 17.54
N GLY A 298 -21.49 14.49 16.51
CA GLY A 298 -20.36 15.30 16.09
C GLY A 298 -20.76 16.73 15.74
N GLY A 299 -21.88 16.88 15.02
CA GLY A 299 -22.29 18.21 14.60
C GLY A 299 -22.63 19.11 15.78
N VAL A 300 -23.28 18.55 16.79
CA VAL A 300 -23.73 19.34 17.92
C VAL A 300 -22.59 19.67 18.89
N VAL A 301 -21.70 18.70 19.14
CA VAL A 301 -20.68 18.86 20.16
C VAL A 301 -19.39 19.45 19.58
N ALA A 302 -18.88 18.88 18.48
CA ALA A 302 -17.62 19.35 17.92
C ALA A 302 -17.79 20.43 16.86
N GLY A 303 -19.01 20.63 16.36
CA GLY A 303 -19.27 21.68 15.40
C GLY A 303 -18.99 23.08 15.92
N PRO A 304 -19.55 23.44 17.08
CA PRO A 304 -19.36 24.79 17.62
C PRO A 304 -17.89 25.14 17.83
N PRO A 305 -17.08 24.28 18.49
CA PRO A 305 -15.65 24.62 18.58
C PRO A 305 -14.96 24.65 17.24
N PHE A 306 -15.33 23.75 16.31
CA PHE A 306 -14.80 23.86 14.96
C PHE A 306 -15.08 25.23 14.37
N LYS A 307 -16.35 25.67 14.46
CA LYS A 307 -16.74 26.96 13.91
C LYS A 307 -15.89 28.10 14.47
N LYS A 308 -15.71 28.13 15.80
CA LYS A 308 -14.92 29.20 16.41
C LYS A 308 -13.45 29.11 15.98
N ILE A 309 -12.88 27.90 15.96
CA ILE A 309 -11.46 27.77 15.65
C ILE A 309 -11.19 28.07 14.19
N MET A 310 -12.07 27.60 13.29
CA MET A 310 -11.88 27.88 11.87
C MET A 310 -12.04 29.38 11.58
N GLY A 311 -13.14 29.98 12.04
CA GLY A 311 -13.35 31.41 11.78
C GLY A 311 -12.22 32.25 12.33
N GLY A 312 -11.75 31.93 13.54
CA GLY A 312 -10.65 32.68 14.12
C GLY A 312 -9.34 32.45 13.40
N SER A 313 -9.10 31.22 12.95
CA SER A 313 -7.86 30.93 12.22
C SER A 313 -7.83 31.69 10.90
N LEU A 314 -8.94 31.68 10.16
CA LEU A 314 -8.99 32.43 8.90
C LEU A 314 -8.74 33.91 9.16
N ASN A 315 -9.30 34.44 10.25
CA ASN A 315 -9.08 35.83 10.60
C ASN A 315 -7.62 36.09 10.96
N ILE A 316 -7.06 35.28 11.87
CA ILE A 316 -5.67 35.40 12.25
C ILE A 316 -4.76 35.35 11.01
N LEU A 317 -5.09 34.49 10.05
CA LEU A 317 -4.27 34.31 8.86
C LEU A 317 -4.52 35.36 7.78
N GLY A 318 -5.42 36.32 8.01
CA GLY A 318 -5.67 37.35 7.03
C GLY A 318 -6.38 36.88 5.78
N ILE A 319 -7.24 35.87 5.90
CA ILE A 319 -8.03 35.37 4.77
C ILE A 319 -9.38 36.08 4.75
N SER A 320 -9.62 36.84 3.69
CA SER A 320 -10.85 37.62 3.58
C SER A 320 -12.02 36.72 3.19
N PRO A 321 -13.21 36.98 3.73
CA PRO A 321 -14.40 36.21 3.35
C PRO A 321 -14.62 36.21 1.85
N THR A 322 -15.19 35.11 1.35
CA THR A 322 -15.51 34.92 -0.06
C THR A 322 -16.96 35.23 -0.38
N LYS A 323 -17.80 35.50 0.61
CA LYS A 323 -19.20 35.84 0.43
C LYS A 323 -19.58 36.85 1.50
N PRO A 324 -20.65 37.62 1.30
CA PRO A 324 -20.97 38.67 2.26
C PRO A 324 -21.31 38.11 3.62
N LEU A 325 -20.90 38.83 4.66
CA LEU A 325 -21.20 38.41 6.02
C LEU A 325 -22.67 38.66 6.33
N THR A 326 -23.23 37.79 7.17
CA THR A 326 -24.64 37.93 7.56
C THR A 326 -24.77 38.19 9.06
N MET B 2 -8.98 -32.20 -3.38
CA MET B 2 -8.63 -31.57 -2.12
C MET B 2 -7.61 -30.43 -2.31
N LEU B 3 -6.35 -30.73 -2.00
CA LEU B 3 -5.25 -29.77 -2.14
C LEU B 3 -5.05 -29.40 -3.61
N SER B 4 -4.52 -28.19 -3.82
CA SER B 4 -4.16 -27.79 -5.17
C SER B 4 -2.88 -28.45 -5.66
N LEU B 5 -2.15 -29.14 -4.77
CA LEU B 5 -0.88 -29.74 -5.13
C LEU B 5 -1.07 -30.79 -6.22
N ASP B 6 -0.17 -30.78 -7.20
CA ASP B 6 -0.09 -31.79 -8.24
C ASP B 6 0.96 -32.82 -7.83
N GLN B 7 0.52 -34.06 -7.63
CA GLN B 7 1.40 -35.10 -7.10
C GLN B 7 2.62 -35.32 -7.99
N ARG B 8 2.43 -35.27 -9.31
CA ARG B 8 3.57 -35.46 -10.23
C ARG B 8 4.58 -34.34 -10.06
N ILE B 9 4.11 -33.11 -9.95
CA ILE B 9 5.03 -31.99 -9.83
C ILE B 9 5.65 -31.95 -8.44
N GLN B 10 4.85 -32.25 -7.39
CA GLN B 10 5.40 -32.35 -6.05
C GLN B 10 6.52 -33.39 -5.98
N THR B 11 6.32 -34.56 -6.60
CA THR B 11 7.39 -35.56 -6.65
C THR B 11 8.61 -35.04 -7.40
N LEU B 12 8.39 -34.47 -8.59
CA LEU B 12 9.48 -33.88 -9.35
C LEU B 12 10.20 -32.80 -8.55
N ALA B 13 9.46 -31.98 -7.82
CA ALA B 13 10.09 -30.91 -7.05
C ALA B 13 10.98 -31.48 -5.96
N TYR B 14 10.52 -32.52 -5.23
CA TYR B 14 11.35 -33.08 -4.17
C TYR B 14 12.60 -33.74 -4.75
N GLU B 15 12.46 -34.44 -5.89
CA GLU B 15 13.60 -35.15 -6.46
C GLU B 15 14.71 -34.18 -6.86
N GLU B 16 14.36 -33.14 -7.62
CA GLU B 16 15.38 -32.21 -8.10
C GLU B 16 15.95 -31.37 -6.96
N LEU B 17 15.10 -30.93 -6.03
CA LEU B 17 15.59 -30.18 -4.87
C LEU B 17 16.57 -31.00 -4.06
N ASN B 18 16.24 -32.26 -3.77
CA ASN B 18 17.16 -33.09 -3.01
C ASN B 18 18.47 -33.32 -3.77
N LYS B 19 18.39 -33.55 -5.08
CA LYS B 19 19.59 -33.66 -5.90
C LYS B 19 20.47 -32.42 -5.76
N ALA B 20 19.87 -31.23 -5.90
CA ALA B 20 20.64 -29.99 -5.86
C ALA B 20 21.23 -29.76 -4.47
N VAL B 21 20.46 -30.02 -3.42
CA VAL B 21 20.94 -29.77 -2.07
C VAL B 21 22.11 -30.71 -1.75
N GLU B 22 22.02 -31.96 -2.17
CA GLU B 22 23.12 -32.90 -1.93
C GLU B 22 24.37 -32.52 -2.72
N TYR B 23 24.21 -32.25 -4.01
CA TYR B 23 25.37 -31.93 -4.85
C TYR B 23 26.14 -30.72 -4.32
N HIS B 24 25.43 -29.67 -3.91
CA HIS B 24 26.11 -28.49 -3.40
C HIS B 24 26.31 -28.52 -1.89
N GLN B 25 26.01 -29.64 -1.24
CA GLN B 25 26.19 -29.80 0.20
C GLN B 25 25.62 -28.60 0.95
N ALA B 26 24.38 -28.27 0.62
CA ALA B 26 23.71 -27.11 1.17
C ALA B 26 22.98 -27.48 2.45
N LYS B 27 22.62 -26.45 3.23
CA LYS B 27 21.91 -26.71 4.48
C LYS B 27 20.46 -27.08 4.24
N ALA B 28 19.81 -26.47 3.26
CA ALA B 28 18.38 -26.64 3.05
C ALA B 28 18.02 -26.16 1.66
N GLY B 29 16.74 -26.32 1.32
CA GLY B 29 16.26 -25.88 0.02
C GLY B 29 14.75 -25.89 0.01
N THR B 30 14.20 -25.05 -0.86
CA THR B 30 12.76 -24.90 -1.00
C THR B 30 12.41 -24.77 -2.48
N VAL B 31 11.24 -25.28 -2.86
CA VAL B 31 10.70 -25.07 -4.20
C VAL B 31 9.23 -24.73 -4.06
N VAL B 32 8.80 -23.70 -4.78
CA VAL B 32 7.38 -23.40 -4.96
C VAL B 32 7.10 -23.45 -6.45
N VAL B 33 6.01 -24.13 -6.83
CA VAL B 33 5.52 -24.12 -8.20
C VAL B 33 4.07 -23.65 -8.18
N LEU B 34 3.77 -22.62 -8.98
CA LEU B 34 2.44 -22.02 -9.04
C LEU B 34 1.88 -22.18 -10.44
N ASP B 35 0.56 -22.35 -10.50
CA ASP B 35 -0.17 -22.05 -11.72
C ASP B 35 -0.11 -20.54 -11.94
N ALA B 36 0.54 -20.14 -13.04
CA ALA B 36 0.82 -18.73 -13.32
C ALA B 36 -0.42 -17.92 -13.65
N ARG B 37 -1.56 -18.57 -13.93
CA ARG B 37 -2.79 -17.88 -14.27
C ARG B 37 -3.83 -17.90 -13.16
N THR B 38 -3.80 -18.86 -12.25
CA THR B 38 -4.78 -18.94 -11.19
C THR B 38 -4.19 -18.74 -9.80
N GLY B 39 -2.88 -18.85 -9.66
CA GLY B 39 -2.26 -18.76 -8.36
C GLY B 39 -2.35 -20.03 -7.54
N GLU B 40 -2.87 -21.12 -8.11
CA GLU B 40 -2.92 -22.35 -7.35
C GLU B 40 -1.50 -22.83 -7.09
N ILE B 41 -1.26 -23.36 -5.91
CA ILE B 41 0.06 -23.84 -5.54
C ILE B 41 0.14 -25.31 -5.97
N LEU B 42 0.94 -25.58 -7.01
CA LEU B 42 1.05 -26.91 -7.60
C LEU B 42 2.08 -27.79 -6.90
N ALA B 43 3.06 -27.17 -6.25
CA ALA B 43 4.10 -27.90 -5.54
C ALA B 43 4.67 -26.99 -4.46
N LEU B 44 5.01 -27.58 -3.33
CA LEU B 44 5.59 -26.83 -2.21
C LEU B 44 6.48 -27.84 -1.51
N ALA B 45 7.78 -27.72 -1.70
CA ALA B 45 8.73 -28.71 -1.19
C ALA B 45 9.78 -28.02 -0.33
N ASN B 46 10.09 -28.62 0.81
CA ASN B 46 11.13 -28.16 1.71
C ASN B 46 11.97 -29.36 2.10
N THR B 47 13.29 -29.23 2.02
CA THR B 47 14.18 -30.31 2.45
C THR B 47 15.35 -29.69 3.20
N PRO B 48 15.69 -30.21 4.39
CA PRO B 48 14.97 -31.27 5.10
C PRO B 48 13.63 -30.76 5.62
N GLY B 49 12.71 -31.68 5.92
CA GLY B 49 11.36 -31.30 6.26
C GLY B 49 11.15 -30.81 7.68
N GLY B 50 12.05 -29.96 8.17
CA GLY B 50 11.90 -29.45 9.52
C GLY B 50 10.69 -28.55 9.68
N ARG B 51 10.60 -27.50 8.86
CA ARG B 51 9.44 -26.62 8.91
C ARG B 51 9.16 -26.13 7.51
N ASN B 52 8.08 -25.37 7.36
CA ASN B 52 7.64 -24.89 6.04
C ASN B 52 8.32 -23.56 5.77
N ARG B 53 9.60 -23.66 5.40
CA ARG B 53 10.42 -22.47 5.21
C ARG B 53 9.93 -21.60 4.07
N ALA B 54 9.25 -22.18 3.08
CA ALA B 54 8.67 -21.36 2.02
C ALA B 54 7.70 -20.34 2.58
N VAL B 55 7.08 -20.66 3.71
CA VAL B 55 6.07 -19.80 4.30
C VAL B 55 6.57 -19.06 5.53
N THR B 56 7.51 -19.63 6.30
CA THR B 56 7.91 -19.06 7.58
C THR B 56 9.16 -18.20 7.52
N ASP B 57 10.07 -18.46 6.59
CA ASP B 57 11.37 -17.80 6.57
C ASP B 57 11.34 -16.62 5.62
N MET B 58 11.55 -15.43 6.16
CA MET B 58 11.61 -14.25 5.31
C MET B 58 13.06 -14.05 4.90
N ILE B 59 13.25 -13.59 3.66
CA ILE B 59 14.56 -13.36 3.09
C ILE B 59 14.59 -11.99 2.44
N GLU B 60 15.77 -11.39 2.37
CA GLU B 60 15.99 -10.28 1.47
C GLU B 60 16.11 -10.87 0.07
N PRO B 61 15.23 -10.51 -0.88
CA PRO B 61 15.17 -11.24 -2.16
C PRO B 61 16.34 -11.02 -3.10
N GLY B 62 17.16 -9.99 -2.87
CA GLY B 62 18.23 -9.77 -3.84
C GLY B 62 17.68 -9.45 -5.22
N ALA B 63 18.39 -9.91 -6.26
CA ALA B 63 18.05 -9.52 -7.63
C ALA B 63 16.65 -9.92 -8.04
N ALA B 64 16.02 -10.88 -7.34
CA ALA B 64 14.69 -11.33 -7.73
C ALA B 64 13.64 -10.22 -7.65
N ILE B 65 13.93 -9.12 -6.94
N ILE B 65 13.92 -9.12 -6.94
CA ILE B 65 12.98 -8.02 -6.85
CA ILE B 65 12.95 -8.03 -6.88
C ILE B 65 13.14 -7.01 -7.98
C ILE B 65 13.11 -7.04 -8.03
N LYS B 66 14.26 -7.04 -8.71
CA LYS B 66 14.52 -6.05 -9.75
C LYS B 66 13.46 -5.94 -10.83
N PRO B 67 12.87 -7.02 -11.34
CA PRO B 67 11.82 -6.85 -12.37
C PRO B 67 10.67 -5.96 -11.91
N PHE B 68 10.35 -5.96 -10.62
CA PHE B 68 9.22 -5.16 -10.15
C PHE B 68 9.55 -3.67 -10.17
N VAL B 69 10.79 -3.33 -9.83
CA VAL B 69 11.25 -1.93 -9.93
C VAL B 69 11.22 -1.46 -11.38
N ILE B 70 11.75 -2.28 -12.29
CA ILE B 70 11.74 -1.93 -13.70
C ILE B 70 10.31 -1.79 -14.20
N ALA B 71 9.44 -2.73 -13.81
CA ALA B 71 8.04 -2.66 -14.25
C ALA B 71 7.37 -1.37 -13.77
N LYS B 72 7.60 -1.01 -12.51
CA LYS B 72 6.96 0.19 -11.97
C LYS B 72 7.44 1.43 -12.70
N ALA B 73 8.75 1.53 -12.98
CA ALA B 73 9.25 2.66 -13.73
C ALA B 73 8.65 2.74 -15.13
N LEU B 74 8.52 1.58 -15.81
CA LEU B 74 7.85 1.56 -17.10
C LEU B 74 6.37 1.92 -16.97
N ASP B 75 5.71 1.33 -15.98
CA ASP B 75 4.27 1.53 -15.79
C ASP B 75 3.92 3.00 -15.53
N ALA B 76 4.73 3.68 -14.73
CA ALA B 76 4.45 5.07 -14.40
C ALA B 76 5.03 6.03 -15.43
N GLY B 77 5.69 5.54 -16.47
CA GLY B 77 6.25 6.44 -17.45
C GLY B 77 7.50 7.19 -17.01
N LYS B 78 8.22 6.67 -16.01
CA LYS B 78 9.49 7.28 -15.62
C LYS B 78 10.63 6.89 -16.53
N THR B 79 10.44 5.86 -17.35
CA THR B 79 11.39 5.45 -18.37
C THR B 79 10.58 4.79 -19.48
N ASP B 80 11.25 4.40 -20.56
CA ASP B 80 10.59 3.66 -21.62
C ASP B 80 11.59 2.66 -22.20
N LEU B 81 11.14 1.90 -23.18
CA LEU B 81 11.98 0.84 -23.73
C LEU B 81 13.10 1.36 -24.61
N ASN B 82 13.18 2.67 -24.84
CA ASN B 82 14.23 3.23 -25.69
C ASN B 82 15.31 3.96 -24.93
N GLU B 83 15.05 4.37 -23.69
CA GLU B 83 16.03 5.17 -22.97
C GLU B 83 17.31 4.37 -22.71
N ARG B 84 18.44 5.01 -22.92
CA ARG B 84 19.72 4.48 -22.46
C ARG B 84 20.14 5.27 -21.23
N LEU B 85 20.28 4.59 -20.10
CA LEU B 85 20.65 5.22 -18.85
C LEU B 85 22.17 5.19 -18.69
N ASN B 86 22.72 6.29 -18.18
CA ASN B 86 24.10 6.29 -17.69
C ASN B 86 24.17 5.29 -16.55
N THR B 87 24.92 4.19 -16.70
CA THR B 87 25.01 3.20 -15.64
C THR B 87 26.44 3.09 -15.10
N GLN B 88 27.22 4.17 -15.21
CA GLN B 88 28.52 4.22 -14.55
C GLN B 88 28.33 4.04 -13.04
N PRO B 89 29.25 3.38 -12.34
CA PRO B 89 29.16 3.35 -10.88
C PRO B 89 29.14 4.77 -10.34
N TYR B 90 28.44 4.96 -9.22
CA TYR B 90 28.32 6.28 -8.66
C TYR B 90 28.25 6.15 -7.14
N LYS B 91 28.14 7.28 -6.47
CA LYS B 91 28.03 7.31 -5.02
C LYS B 91 26.78 8.04 -4.60
N ILE B 92 26.20 7.59 -3.49
CA ILE B 92 25.15 8.29 -2.78
C ILE B 92 25.75 8.69 -1.44
N GLY B 93 26.08 9.97 -1.29
CA GLY B 93 26.93 10.37 -0.20
C GLY B 93 28.23 9.60 -0.29
N PRO B 94 28.64 8.95 0.80
CA PRO B 94 29.87 8.15 0.77
C PRO B 94 29.69 6.76 0.18
N SER B 95 28.44 6.34 -0.09
CA SER B 95 28.15 4.94 -0.34
C SER B 95 28.25 4.64 -1.83
N PRO B 96 29.09 3.70 -2.24
CA PRO B 96 29.15 3.35 -3.67
C PRO B 96 27.98 2.48 -4.07
N VAL B 97 27.53 2.69 -5.31
CA VAL B 97 26.61 1.78 -5.99
C VAL B 97 27.29 1.38 -7.28
N ARG B 98 27.55 0.09 -7.44
CA ARG B 98 28.32 -0.38 -8.57
C ARG B 98 27.89 -1.79 -8.92
N ASP B 99 28.19 -2.17 -10.15
CA ASP B 99 27.97 -3.52 -10.65
C ASP B 99 29.30 -4.26 -10.62
N THR B 100 29.25 -5.59 -10.84
CA THR B 100 30.46 -6.39 -10.90
C THR B 100 31.34 -5.97 -12.08
N HIS B 101 30.72 -5.59 -13.19
CA HIS B 101 31.41 -5.07 -14.35
C HIS B 101 30.95 -3.64 -14.60
N VAL B 102 31.78 -2.88 -15.30
CA VAL B 102 31.42 -1.51 -15.68
C VAL B 102 30.62 -1.54 -16.98
N TYR B 103 29.35 -1.16 -16.92
CA TYR B 103 28.60 -0.91 -18.14
C TYR B 103 28.37 0.60 -18.24
N PRO B 104 28.96 1.29 -19.22
CA PRO B 104 28.80 2.76 -19.27
C PRO B 104 27.35 3.18 -19.48
N SER B 105 26.59 2.43 -20.25
CA SER B 105 25.19 2.75 -20.47
C SER B 105 24.43 1.47 -20.79
N LEU B 106 23.20 1.39 -20.30
CA LEU B 106 22.30 0.29 -20.58
C LEU B 106 20.91 0.85 -20.82
N ASP B 107 20.19 0.24 -21.76
CA ASP B 107 18.75 0.46 -21.78
C ASP B 107 18.11 -0.50 -20.78
N VAL B 108 16.78 -0.44 -20.71
CA VAL B 108 16.09 -1.20 -19.68
C VAL B 108 16.26 -2.70 -19.91
N ARG B 109 16.27 -3.14 -21.17
CA ARG B 109 16.57 -4.54 -21.44
CA ARG B 109 16.56 -4.55 -21.43
C ARG B 109 17.94 -4.92 -20.90
N GLY B 110 18.94 -4.05 -21.10
CA GLY B 110 20.27 -4.34 -20.60
C GLY B 110 20.33 -4.39 -19.09
N ILE B 111 19.63 -3.48 -18.42
CA ILE B 111 19.57 -3.49 -16.96
C ILE B 111 19.01 -4.82 -16.46
N MET B 112 17.97 -5.33 -17.11
CA MET B 112 17.43 -6.64 -16.76
C MET B 112 18.44 -7.75 -17.05
N GLN B 113 18.99 -7.74 -18.26
CA GLN B 113 19.83 -8.85 -18.73
C GLN B 113 21.09 -9.00 -17.89
N LYS B 114 21.73 -7.87 -17.57
CA LYS B 114 22.96 -7.85 -16.80
C LYS B 114 22.72 -7.74 -15.29
N SER B 115 21.47 -7.57 -14.87
CA SER B 115 21.10 -7.41 -13.47
C SER B 115 21.85 -6.23 -12.84
N SER B 116 21.70 -5.05 -13.47
CA SER B 116 22.50 -3.89 -13.09
C SER B 116 21.93 -3.26 -11.82
N ASN B 117 22.69 -3.33 -10.73
CA ASN B 117 22.32 -2.59 -9.52
C ASN B 117 22.29 -1.09 -9.78
N VAL B 118 23.20 -0.57 -10.61
CA VAL B 118 23.23 0.86 -10.87
C VAL B 118 21.96 1.28 -11.59
N GLY B 119 21.62 0.59 -12.68
CA GLY B 119 20.43 0.95 -13.42
C GLY B 119 19.16 0.83 -12.62
N THR B 120 19.03 -0.24 -11.83
CA THR B 120 17.83 -0.42 -11.04
C THR B 120 17.69 0.67 -9.98
N SER B 121 18.77 1.01 -9.31
CA SER B 121 18.71 2.05 -8.28
C SER B 121 18.36 3.41 -8.90
N LYS B 122 18.87 3.69 -10.11
CA LYS B 122 18.54 4.95 -10.76
C LYS B 122 17.07 5.04 -11.14
N LEU B 123 16.49 3.92 -11.59
CA LEU B 123 15.04 3.88 -11.87
C LEU B 123 14.23 4.08 -10.59
N SER B 124 14.61 3.40 -9.52
CA SER B 124 13.93 3.56 -8.24
C SER B 124 13.98 5.00 -7.76
N ALA B 125 15.12 5.66 -7.98
CA ALA B 125 15.33 7.04 -7.54
C ALA B 125 14.44 8.05 -8.25
N ARG B 126 13.79 7.67 -9.34
CA ARG B 126 12.80 8.54 -9.98
C ARG B 126 11.46 8.56 -9.25
N PHE B 127 11.33 7.81 -8.16
CA PHE B 127 10.15 7.82 -7.31
C PHE B 127 10.54 8.29 -5.92
N GLY B 128 9.63 8.98 -5.26
CA GLY B 128 9.84 9.31 -3.86
C GLY B 128 9.74 8.08 -2.99
N ALA B 129 10.30 8.19 -1.78
CA ALA B 129 10.27 7.05 -0.86
C ALA B 129 8.85 6.56 -0.59
N GLU B 130 7.91 7.48 -0.35
CA GLU B 130 6.58 7.04 0.04
C GLU B 130 5.88 6.29 -1.09
N GLU B 131 6.05 6.76 -2.33
CA GLU B 131 5.53 6.05 -3.51
C GLU B 131 6.13 4.65 -3.61
N MET B 132 7.45 4.54 -3.46
CA MET B 132 8.04 3.20 -3.57
C MET B 132 7.56 2.31 -2.45
N TYR B 133 7.42 2.87 -1.24
CA TYR B 133 6.91 2.14 -0.10
C TYR B 133 5.51 1.58 -0.37
N ASP B 134 4.61 2.44 -0.89
CA ASP B 134 3.27 1.97 -1.22
C ASP B 134 3.31 0.87 -2.27
N PHE B 135 4.24 0.98 -3.22
CA PHE B 135 4.35 -0.04 -4.26
C PHE B 135 4.76 -1.38 -3.67
N TYR B 136 5.83 -1.39 -2.85
CA TYR B 136 6.26 -2.64 -2.22
C TYR B 136 5.16 -3.24 -1.35
N HIS B 137 4.41 -2.38 -0.65
CA HIS B 137 3.30 -2.86 0.16
C HIS B 137 2.20 -3.45 -0.72
N GLU B 138 1.93 -2.84 -1.89
CA GLU B 138 0.91 -3.36 -2.81
C GLU B 138 1.31 -4.72 -3.39
N LEU B 139 2.62 -4.96 -3.52
CA LEU B 139 3.15 -6.27 -3.90
C LEU B 139 2.95 -7.30 -2.80
N GLY B 140 2.62 -6.86 -1.59
CA GLY B 140 2.40 -7.75 -0.49
C GLY B 140 3.54 -7.83 0.51
N ILE B 141 4.60 -7.03 0.35
CA ILE B 141 5.71 -7.09 1.29
C ILE B 141 5.27 -6.45 2.61
N GLY B 142 5.37 -7.20 3.70
CA GLY B 142 4.82 -6.78 4.97
C GLY B 142 3.38 -7.18 5.20
N VAL B 143 2.74 -7.87 4.25
CA VAL B 143 1.35 -8.26 4.36
C VAL B 143 1.28 -9.78 4.52
N ARG B 144 0.74 -10.26 5.65
CA ARG B 144 0.64 -11.70 5.85
C ARG B 144 -0.26 -12.32 4.80
N MET B 145 0.10 -13.53 4.39
CA MET B 145 -0.73 -14.28 3.44
C MET B 145 -1.86 -15.03 4.12
N HIS B 146 -1.78 -15.23 5.44
CA HIS B 146 -2.75 -16.03 6.20
C HIS B 146 -3.04 -17.37 5.53
N SER B 147 -1.95 -18.07 5.19
CA SER B 147 -2.05 -19.41 4.61
C SER B 147 -2.59 -20.44 5.60
N GLY B 148 -2.57 -20.13 6.89
CA GLY B 148 -2.94 -21.09 7.91
C GLY B 148 -1.80 -21.91 8.45
N PHE B 149 -0.59 -21.78 7.89
CA PHE B 149 0.56 -22.47 8.46
C PHE B 149 1.09 -21.70 9.67
N PRO B 150 1.42 -22.41 10.75
CA PRO B 150 1.99 -21.74 11.92
C PRO B 150 3.38 -21.21 11.62
N GLY B 151 3.73 -20.12 12.29
CA GLY B 151 4.99 -19.46 12.07
C GLY B 151 5.07 -18.65 10.79
N GLU B 152 3.96 -18.48 10.08
CA GLU B 152 3.93 -17.70 8.86
C GLU B 152 4.40 -16.28 9.11
N THR B 153 5.26 -15.78 8.23
CA THR B 153 5.81 -14.44 8.35
C THR B 153 5.05 -13.46 7.47
N ALA B 154 4.99 -12.22 7.93
CA ALA B 154 4.49 -11.12 7.12
C ALA B 154 5.58 -10.49 6.26
N GLY B 155 6.84 -10.76 6.57
CA GLY B 155 7.93 -10.06 5.93
C GLY B 155 8.18 -8.74 6.63
N LEU B 156 9.05 -7.93 6.04
CA LEU B 156 9.50 -6.70 6.68
C LEU B 156 9.58 -5.59 5.63
N LEU B 157 8.85 -4.50 5.84
CA LEU B 157 8.91 -3.31 5.00
C LEU B 157 9.03 -2.11 5.91
N ARG B 158 10.19 -1.47 5.91
CA ARG B 158 10.42 -0.35 6.84
C ARG B 158 9.61 0.87 6.43
N ASN B 159 9.09 1.58 7.43
CA ASN B 159 8.33 2.81 7.22
C ASN B 159 9.12 3.82 6.39
N TRP B 160 8.48 4.34 5.34
CA TRP B 160 9.17 5.19 4.35
C TRP B 160 9.75 6.46 4.96
N ARG B 161 9.17 6.95 6.06
CA ARG B 161 9.70 8.14 6.70
C ARG B 161 11.09 7.93 7.29
N ARG B 162 11.54 6.68 7.42
CA ARG B 162 12.87 6.37 7.94
CA ARG B 162 12.87 6.39 7.94
C ARG B 162 13.87 6.01 6.85
N TRP B 163 13.46 6.02 5.57
CA TRP B 163 14.38 5.65 4.49
C TRP B 163 15.38 6.76 4.19
N ARG B 164 16.65 6.42 4.22
CA ARG B 164 17.66 7.26 3.59
C ARG B 164 17.80 6.90 2.11
N PRO B 165 18.32 7.82 1.29
CA PRO B 165 18.46 7.52 -0.16
C PRO B 165 19.26 6.26 -0.47
N ILE B 166 20.35 5.98 0.26
CA ILE B 166 21.07 4.73 -0.02
C ILE B 166 20.19 3.52 0.29
N GLU B 167 19.28 3.63 1.27
CA GLU B 167 18.43 2.50 1.62
C GLU B 167 17.34 2.26 0.58
N GLN B 168 16.75 3.34 0.04
CA GLN B 168 15.86 3.17 -1.11
C GLN B 168 16.59 2.48 -2.26
N ALA B 169 17.84 2.86 -2.50
CA ALA B 169 18.61 2.24 -3.58
C ALA B 169 18.82 0.75 -3.31
N THR B 170 19.25 0.40 -2.09
CA THR B 170 19.53 -1.01 -1.84
C THR B 170 18.26 -1.85 -1.84
N MET B 171 17.12 -1.29 -1.42
CA MET B 171 15.86 -2.02 -1.54
C MET B 171 15.52 -2.32 -3.00
N SER B 172 15.87 -1.42 -3.92
CA SER B 172 15.53 -1.63 -5.33
C SER B 172 16.28 -2.82 -5.92
N PHE B 173 17.46 -3.16 -5.39
CA PHE B 173 18.06 -4.43 -5.82
C PHE B 173 18.02 -5.50 -4.73
N GLY B 174 17.08 -5.37 -3.79
CA GLY B 174 16.61 -6.48 -3.00
C GLY B 174 17.16 -6.64 -1.60
N TYR B 175 17.72 -5.59 -0.99
CA TYR B 175 18.23 -5.67 0.36
C TYR B 175 17.63 -4.56 1.20
N GLY B 176 17.28 -4.89 2.44
CA GLY B 176 16.66 -3.94 3.32
C GLY B 176 15.17 -4.07 3.43
N LEU B 177 14.57 -4.98 2.65
CA LEU B 177 13.19 -5.42 2.82
C LEU B 177 13.18 -6.94 2.77
N GLN B 178 12.13 -7.57 3.29
CA GLN B 178 12.15 -9.02 3.46
C GLN B 178 10.77 -9.61 3.17
N LEU B 179 10.75 -10.82 2.60
CA LEU B 179 9.49 -11.50 2.36
C LEU B 179 9.80 -12.99 2.23
N SER B 180 8.76 -13.82 2.37
CA SER B 180 8.97 -15.25 2.24
C SER B 180 9.05 -15.65 0.78
N LEU B 181 9.59 -16.87 0.53
CA LEU B 181 9.61 -17.34 -0.84
C LEU B 181 8.21 -17.41 -1.43
N LEU B 182 7.20 -17.75 -0.61
CA LEU B 182 5.84 -17.82 -1.14
C LEU B 182 5.30 -16.43 -1.47
N GLN B 183 5.61 -15.43 -0.64
CA GLN B 183 5.25 -14.06 -0.98
C GLN B 183 5.93 -13.60 -2.25
N LEU B 184 7.19 -14.02 -2.46
CA LEU B 184 7.91 -13.63 -3.67
C LEU B 184 7.29 -14.29 -4.91
N ALA B 185 7.03 -15.59 -4.83
CA ALA B 185 6.33 -16.28 -5.91
C ALA B 185 5.00 -15.60 -6.20
N ARG B 186 4.27 -15.21 -5.16
CA ARG B 186 3.01 -14.51 -5.36
C ARG B 186 3.22 -13.24 -6.16
N ALA B 187 4.23 -12.46 -5.80
CA ALA B 187 4.48 -11.21 -6.52
C ALA B 187 4.70 -11.47 -8.00
N TYR B 188 5.33 -12.60 -8.35
CA TYR B 188 5.55 -12.86 -9.77
C TYR B 188 4.23 -13.09 -10.53
N THR B 189 3.12 -13.38 -9.85
CA THR B 189 1.85 -13.49 -10.58
C THR B 189 1.44 -12.16 -11.17
N ALA B 190 1.86 -11.03 -10.59
CA ALA B 190 1.53 -9.76 -11.23
C ALA B 190 2.17 -9.68 -12.62
N LEU B 191 3.31 -10.33 -12.81
CA LEU B 191 3.93 -10.29 -14.13
C LEU B 191 3.34 -11.34 -15.06
N THR B 192 3.04 -12.54 -14.55
CA THR B 192 2.53 -13.57 -15.44
C THR B 192 1.06 -13.41 -15.75
N HIS B 193 0.27 -12.95 -14.77
CA HIS B 193 -1.16 -12.76 -14.98
C HIS B 193 -1.49 -11.34 -15.47
N ASP B 194 -0.73 -10.86 -16.45
CA ASP B 194 -1.01 -9.62 -17.18
C ASP B 194 -1.26 -8.42 -16.26
N GLY B 195 -0.42 -8.28 -15.25
CA GLY B 195 -0.49 -7.10 -14.40
C GLY B 195 -1.34 -7.25 -13.16
N VAL B 196 -2.01 -8.39 -12.98
CA VAL B 196 -2.98 -8.57 -11.90
C VAL B 196 -2.36 -9.52 -10.87
N LEU B 197 -2.07 -8.98 -9.69
CA LEU B 197 -1.57 -9.78 -8.59
C LEU B 197 -2.67 -10.73 -8.09
N LEU B 198 -2.33 -12.01 -7.92
CA LEU B 198 -3.27 -13.02 -7.47
C LEU B 198 -3.05 -13.36 -6.00
N PRO B 199 -4.09 -13.80 -5.30
CA PRO B 199 -3.94 -14.09 -3.86
C PRO B 199 -3.19 -15.37 -3.56
N LEU B 200 -3.15 -16.33 -4.49
CA LEU B 200 -2.62 -17.69 -4.32
C LEU B 200 -3.62 -18.54 -3.56
N SER B 201 -3.53 -19.86 -3.71
CA SER B 201 -4.53 -20.74 -3.13
C SER B 201 -3.92 -22.12 -2.95
N PHE B 202 -4.22 -22.75 -1.82
CA PHE B 202 -3.85 -24.12 -1.57
C PHE B 202 -4.96 -25.09 -1.93
N GLU B 203 -6.13 -24.58 -2.32
CA GLU B 203 -7.27 -25.38 -2.74
C GLU B 203 -7.51 -25.19 -4.24
N LYS B 204 -8.06 -26.22 -4.87
CA LYS B 204 -8.46 -26.11 -6.26
C LYS B 204 -9.46 -24.97 -6.45
N GLN B 205 -9.44 -24.36 -7.62
CA GLN B 205 -10.24 -23.18 -7.91
C GLN B 205 -11.26 -23.49 -8.99
N ALA B 206 -12.55 -23.36 -8.63
CA ALA B 206 -13.61 -23.54 -9.61
C ALA B 206 -13.56 -22.47 -10.70
N VAL B 207 -13.08 -21.27 -10.36
CA VAL B 207 -12.92 -20.19 -11.33
C VAL B 207 -11.68 -19.39 -10.94
N ALA B 208 -11.03 -18.79 -11.93
CA ALA B 208 -9.88 -17.94 -11.67
C ALA B 208 -10.27 -16.83 -10.70
N PRO B 209 -9.57 -16.68 -9.58
CA PRO B 209 -10.03 -15.73 -8.55
C PRO B 209 -9.86 -14.29 -8.99
N GLN B 210 -10.53 -13.42 -8.27
CA GLN B 210 -10.35 -11.98 -8.45
C GLN B 210 -8.98 -11.58 -7.91
N GLY B 211 -8.17 -10.96 -8.75
CA GLY B 211 -6.90 -10.45 -8.34
C GLY B 211 -6.97 -8.95 -8.13
N LYS B 212 -5.80 -8.33 -8.09
CA LYS B 212 -5.68 -6.89 -7.89
C LYS B 212 -4.70 -6.36 -8.91
N ARG B 213 -5.12 -5.40 -9.74
CA ARG B 213 -4.20 -4.88 -10.75
C ARG B 213 -3.12 -4.03 -10.10
N ILE B 214 -1.87 -4.33 -10.43
CA ILE B 214 -0.78 -3.46 -9.99
C ILE B 214 0.05 -2.91 -11.15
N PHE B 215 -0.02 -3.50 -12.34
CA PHE B 215 0.60 -2.97 -13.54
C PHE B 215 -0.41 -2.98 -14.69
N LYS B 216 -0.18 -2.11 -15.68
CA LYS B 216 -0.88 -2.26 -16.94
C LYS B 216 -0.52 -3.60 -17.55
N GLU B 217 -1.47 -4.17 -18.32
CA GLU B 217 -1.17 -5.40 -19.03
C GLU B 217 0.03 -5.22 -19.96
N SER B 218 0.11 -4.08 -20.66
CA SER B 218 1.22 -3.88 -21.59
C SER B 218 2.56 -3.86 -20.85
N THR B 219 2.60 -3.26 -19.65
CA THR B 219 3.80 -3.30 -18.84
C THR B 219 4.20 -4.74 -18.50
N ALA B 220 3.25 -5.52 -18.01
CA ALA B 220 3.56 -6.90 -17.66
C ALA B 220 4.07 -7.67 -18.87
N ARG B 221 3.42 -7.49 -20.02
CA ARG B 221 3.82 -8.21 -21.23
C ARG B 221 5.25 -7.83 -21.65
N GLU B 222 5.57 -6.52 -21.65
CA GLU B 222 6.91 -6.10 -22.04
C GLU B 222 7.97 -6.55 -21.04
N VAL B 223 7.64 -6.52 -19.74
CA VAL B 223 8.62 -6.95 -18.74
C VAL B 223 8.90 -8.43 -18.87
N ARG B 224 7.88 -9.23 -19.18
CA ARG B 224 8.13 -10.66 -19.42
C ARG B 224 9.11 -10.86 -20.56
N ASN B 225 8.97 -10.08 -21.64
N ASN B 225 8.97 -10.07 -21.63
CA ASN B 225 9.90 -10.18 -22.76
CA ASN B 225 9.90 -10.16 -22.76
C ASN B 225 11.31 -9.76 -22.35
C ASN B 225 11.30 -9.76 -22.34
N LEU B 226 11.44 -8.68 -21.56
CA LEU B 226 12.74 -8.30 -21.02
C LEU B 226 13.37 -9.44 -20.23
N MET B 227 12.56 -10.17 -19.45
CA MET B 227 13.14 -11.19 -18.59
C MET B 227 13.61 -12.41 -19.37
N VAL B 228 13.18 -12.57 -20.63
CA VAL B 228 13.73 -13.64 -21.46
C VAL B 228 15.21 -13.42 -21.75
N SER B 229 15.66 -12.16 -21.79
CA SER B 229 17.07 -11.92 -22.05
C SER B 229 17.94 -12.46 -20.92
N VAL B 230 17.37 -12.68 -19.73
CA VAL B 230 18.15 -13.21 -18.62
C VAL B 230 18.58 -14.66 -18.88
N THR B 231 17.77 -15.43 -19.59
CA THR B 231 18.08 -16.84 -19.84
C THR B 231 18.70 -17.08 -21.21
N GLU B 232 18.79 -16.06 -22.04
CA GLU B 232 19.43 -16.15 -23.33
C GLU B 232 20.88 -15.71 -23.23
N PRO B 233 21.72 -16.14 -24.17
CA PRO B 233 23.14 -15.75 -24.15
C PRO B 233 23.31 -14.25 -23.94
N GLY B 234 24.20 -13.89 -23.02
CA GLY B 234 24.40 -12.52 -22.60
C GLY B 234 23.73 -12.18 -21.28
N GLY B 235 22.79 -13.01 -20.83
CA GLY B 235 22.12 -12.79 -19.57
C GLY B 235 22.79 -13.54 -18.44
N THR B 236 22.40 -13.18 -17.23
CA THR B 236 22.98 -13.77 -16.03
C THR B 236 22.36 -15.12 -15.67
N GLY B 237 21.26 -15.52 -16.30
CA GLY B 237 20.57 -16.72 -15.86
C GLY B 237 20.46 -17.82 -16.91
N THR B 238 21.48 -17.98 -17.76
CA THR B 238 21.41 -18.98 -18.81
C THR B 238 21.33 -20.41 -18.28
N ALA B 239 21.72 -20.63 -17.02
CA ALA B 239 21.58 -21.99 -16.50
C ALA B 239 20.13 -22.42 -16.37
N GLY B 240 19.18 -21.49 -16.43
CA GLY B 240 17.77 -21.81 -16.37
C GLY B 240 17.06 -21.91 -17.70
N ALA B 241 17.78 -21.78 -18.82
CA ALA B 241 17.14 -21.92 -20.12
C ALA B 241 16.52 -23.32 -20.22
N VAL B 242 15.33 -23.38 -20.82
CA VAL B 242 14.65 -24.65 -21.08
C VAL B 242 14.50 -24.81 -22.59
N ASP B 243 15.07 -25.88 -23.14
CA ASP B 243 15.04 -26.09 -24.57
CA ASP B 243 15.05 -26.08 -24.58
C ASP B 243 13.60 -26.09 -25.07
N GLY B 244 13.36 -25.40 -26.18
CA GLY B 244 12.04 -25.31 -26.77
C GLY B 244 11.14 -24.24 -26.19
N PHE B 245 11.55 -23.54 -25.13
CA PHE B 245 10.71 -22.49 -24.55
C PHE B 245 11.49 -21.21 -24.38
N ASP B 246 10.77 -20.08 -24.40
CA ASP B 246 11.29 -18.82 -23.87
C ASP B 246 10.93 -18.76 -22.40
N VAL B 247 11.95 -18.54 -21.57
CA VAL B 247 11.82 -18.54 -20.13
C VAL B 247 12.19 -17.15 -19.63
N GLY B 248 11.28 -16.51 -18.89
CA GLY B 248 11.62 -15.28 -18.20
C GLY B 248 12.04 -15.60 -16.78
N ALA B 249 13.19 -15.07 -16.36
CA ALA B 249 13.65 -15.43 -15.02
C ALA B 249 14.55 -14.36 -14.44
N LYS B 250 14.85 -14.50 -13.15
CA LYS B 250 15.87 -13.76 -12.42
C LYS B 250 16.59 -14.72 -11.50
N THR B 251 17.90 -14.55 -11.38
CA THR B 251 18.69 -15.33 -10.46
C THR B 251 19.54 -14.39 -9.62
N GLY B 252 19.74 -14.79 -8.37
CA GLY B 252 20.34 -13.86 -7.44
C GLY B 252 20.82 -14.57 -6.19
N THR B 253 21.37 -13.77 -5.31
CA THR B 253 21.79 -14.24 -3.99
C THR B 253 20.91 -13.51 -2.99
N ALA B 254 20.03 -14.28 -2.35
CA ALA B 254 19.18 -13.73 -1.30
C ALA B 254 19.88 -13.89 0.04
N ARG B 255 19.40 -13.17 1.05
CA ARG B 255 19.96 -13.28 2.39
C ARG B 255 18.87 -13.56 3.42
N LYS B 256 19.18 -14.44 4.37
CA LYS B 256 18.26 -14.85 5.43
C LYS B 256 18.82 -14.44 6.78
N PHE B 257 18.08 -13.63 7.53
CA PHE B 257 18.51 -13.14 8.85
C PHE B 257 18.21 -14.17 9.94
N VAL B 258 19.11 -14.25 10.94
CA VAL B 258 18.91 -15.09 12.13
C VAL B 258 19.52 -14.48 13.40
N ASN B 259 18.68 -14.30 14.46
CA ASN B 259 19.02 -14.49 15.89
C ASN B 259 19.63 -13.36 16.74
N GLY B 260 19.03 -12.17 16.80
CA GLY B 260 19.27 -11.25 17.93
C GLY B 260 20.72 -10.81 18.17
N ARG B 261 21.27 -11.12 19.36
CA ARG B 261 22.68 -10.86 19.65
C ARG B 261 23.61 -11.57 18.67
N TYR B 262 23.13 -12.63 18.05
CA TYR B 262 23.89 -13.43 17.10
C TYR B 262 23.35 -13.16 15.70
N ALA B 263 22.94 -11.91 15.47
CA ALA B 263 22.38 -11.49 14.20
C ALA B 263 23.33 -11.81 13.08
N ASP B 264 22.85 -12.61 12.13
CA ASP B 264 23.69 -13.22 11.10
C ASP B 264 22.88 -13.23 9.81
N ASN B 265 23.59 -13.29 8.69
CA ASN B 265 22.95 -13.38 7.39
C ASN B 265 23.45 -14.64 6.69
N LYS B 266 22.51 -15.48 6.27
CA LYS B 266 22.83 -16.70 5.54
C LYS B 266 22.61 -16.46 4.05
N HIS B 267 23.54 -16.96 3.24
CA HIS B 267 23.47 -16.75 1.80
C HIS B 267 22.47 -17.75 1.22
N VAL B 268 21.60 -17.27 0.32
CA VAL B 268 20.60 -18.12 -0.32
C VAL B 268 20.71 -17.99 -1.83
N ALA B 269 20.93 -19.10 -2.52
CA ALA B 269 21.00 -19.06 -3.97
C ALA B 269 19.58 -19.17 -4.50
N THR B 270 19.18 -18.23 -5.36
CA THR B 270 17.78 -18.18 -5.78
C THR B 270 17.66 -18.17 -7.29
N PHE B 271 16.61 -18.81 -7.79
CA PHE B 271 16.30 -18.76 -9.20
C PHE B 271 14.78 -18.81 -9.31
N ILE B 272 14.19 -17.82 -9.95
CA ILE B 272 12.75 -17.76 -10.04
C ILE B 272 12.38 -17.35 -11.45
N GLY B 273 11.36 -17.99 -12.01
CA GLY B 273 11.04 -17.74 -13.41
C GLY B 273 9.72 -18.33 -13.80
N PHE B 274 9.37 -18.15 -15.08
CA PHE B 274 8.09 -18.56 -15.62
C PHE B 274 8.24 -18.88 -17.10
N ALA B 275 7.32 -19.70 -17.60
CA ALA B 275 7.30 -20.12 -18.99
C ALA B 275 5.91 -20.67 -19.29
N PRO B 276 5.49 -20.68 -20.59
CA PRO B 276 6.12 -20.02 -21.76
C PRO B 276 6.10 -18.53 -21.51
N ALA B 277 7.20 -17.82 -21.75
CA ALA B 277 7.29 -16.45 -21.24
C ALA B 277 6.19 -15.56 -21.79
N LYS B 278 5.78 -15.76 -23.04
CA LYS B 278 4.78 -14.88 -23.64
C LYS B 278 3.37 -15.16 -23.11
N ASN B 279 3.05 -16.43 -22.86
CA ASN B 279 1.75 -16.85 -22.33
C ASN B 279 2.02 -17.81 -21.18
N PRO B 280 2.41 -17.28 -20.03
CA PRO B 280 2.94 -18.14 -18.96
C PRO B 280 1.90 -19.08 -18.39
N ARG B 281 2.34 -20.29 -18.09
CA ARG B 281 1.49 -21.26 -17.42
C ARG B 281 2.00 -21.68 -16.06
N VAL B 282 3.30 -21.56 -15.80
CA VAL B 282 3.94 -22.05 -14.60
C VAL B 282 4.94 -21.02 -14.09
N ILE B 283 4.96 -20.82 -12.77
CA ILE B 283 6.03 -20.13 -12.07
C ILE B 283 6.78 -21.15 -11.24
N VAL B 284 8.11 -21.17 -11.36
CA VAL B 284 8.95 -22.02 -10.53
C VAL B 284 9.91 -21.13 -9.75
N ALA B 285 9.92 -21.30 -8.42
CA ALA B 285 10.81 -20.55 -7.55
C ALA B 285 11.62 -21.55 -6.75
N VAL B 286 12.94 -21.43 -6.84
CA VAL B 286 13.86 -22.35 -6.18
C VAL B 286 14.82 -21.53 -5.32
N THR B 287 15.00 -21.96 -4.07
CA THR B 287 16.03 -21.41 -3.20
C THR B 287 16.84 -22.55 -2.62
N ILE B 288 18.16 -22.36 -2.59
CA ILE B 288 19.08 -23.32 -2.00
C ILE B 288 19.85 -22.57 -0.92
N ASP B 289 19.67 -22.97 0.33
CA ASP B 289 20.27 -22.28 1.47
C ASP B 289 21.72 -22.74 1.70
N GLU B 290 22.64 -21.78 1.76
CA GLU B 290 24.00 -22.00 2.22
C GLU B 290 24.74 -23.08 1.43
N PRO B 291 24.86 -22.97 0.12
CA PRO B 291 25.68 -23.95 -0.60
C PRO B 291 27.13 -23.81 -0.19
N THR B 292 27.80 -24.94 -0.02
CA THR B 292 29.19 -24.93 0.41
C THR B 292 30.12 -25.69 -0.53
N ALA B 293 29.59 -26.31 -1.57
CA ALA B 293 30.40 -27.05 -2.53
C ALA B 293 29.99 -26.70 -3.94
N HIS B 294 30.97 -26.65 -4.84
CA HIS B 294 30.75 -26.49 -6.28
C HIS B 294 29.98 -25.22 -6.60
N GLY B 295 30.46 -24.10 -6.06
CA GLY B 295 29.95 -22.79 -6.41
C GLY B 295 28.93 -22.25 -5.42
N TYR B 296 28.66 -20.96 -5.56
CA TYR B 296 27.70 -20.26 -4.72
C TYR B 296 26.81 -19.30 -5.48
N TYR B 297 27.14 -18.95 -6.73
N TYR B 297 27.14 -18.95 -6.73
CA TYR B 297 26.34 -18.02 -7.50
CA TYR B 297 26.34 -18.02 -7.50
C TYR B 297 24.95 -18.60 -7.75
C TYR B 297 24.95 -18.60 -7.75
N GLY B 298 23.94 -17.73 -7.76
CA GLY B 298 22.57 -18.18 -7.88
C GLY B 298 22.31 -19.00 -9.13
N GLY B 299 22.83 -18.56 -10.27
CA GLY B 299 22.59 -19.27 -11.52
C GLY B 299 23.17 -20.67 -11.52
N VAL B 300 24.34 -20.84 -10.89
CA VAL B 300 25.03 -22.13 -10.93
C VAL B 300 24.37 -23.12 -9.97
N VAL B 301 23.89 -22.65 -8.82
CA VAL B 301 23.36 -23.53 -7.80
C VAL B 301 21.87 -23.80 -8.00
N ALA B 302 21.08 -22.76 -8.18
CA ALA B 302 19.63 -22.89 -8.28
C ALA B 302 19.14 -23.02 -9.72
N GLY B 303 19.98 -22.71 -10.71
CA GLY B 303 19.60 -22.86 -12.10
C GLY B 303 19.25 -24.29 -12.53
N PRO B 304 20.12 -25.25 -12.27
CA PRO B 304 19.86 -26.64 -12.73
C PRO B 304 18.55 -27.19 -12.19
N PRO B 305 18.26 -27.10 -10.88
CA PRO B 305 16.95 -27.60 -10.43
C PRO B 305 15.78 -26.83 -11.01
N PHE B 306 15.89 -25.50 -11.15
CA PHE B 306 14.84 -24.73 -11.80
C PHE B 306 14.59 -25.26 -13.21
N LYS B 307 15.67 -25.41 -13.99
CA LYS B 307 15.56 -25.90 -15.36
C LYS B 307 14.82 -27.24 -15.42
N LYS B 308 15.21 -28.20 -14.57
CA LYS B 308 14.58 -29.53 -14.58
C LYS B 308 13.14 -29.46 -14.09
N ILE B 309 12.87 -28.69 -13.04
CA ILE B 309 11.51 -28.61 -12.53
C ILE B 309 10.62 -27.88 -13.51
N MET B 310 11.12 -26.80 -14.11
CA MET B 310 10.30 -26.09 -15.09
C MET B 310 10.03 -26.97 -16.30
N GLY B 311 11.08 -27.53 -16.90
CA GLY B 311 10.91 -28.40 -18.06
C GLY B 311 10.01 -29.59 -17.73
N GLY B 312 10.21 -30.19 -16.57
CA GLY B 312 9.38 -31.33 -16.19
C GLY B 312 7.94 -30.95 -15.93
N SER B 313 7.71 -29.78 -15.30
CA SER B 313 6.36 -29.32 -15.03
C SER B 313 5.58 -29.05 -16.33
N LEU B 314 6.23 -28.36 -17.29
CA LEU B 314 5.58 -28.08 -18.56
C LEU B 314 5.17 -29.37 -19.27
N ASN B 315 6.05 -30.37 -19.25
CA ASN B 315 5.70 -31.67 -19.85
C ASN B 315 4.54 -32.32 -19.10
N ILE B 316 4.63 -32.39 -17.76
CA ILE B 316 3.57 -32.98 -16.96
C ILE B 316 2.22 -32.32 -17.29
N LEU B 317 2.22 -31.01 -17.49
CA LEU B 317 0.99 -30.29 -17.77
C LEU B 317 0.61 -30.31 -19.25
N GLY B 318 1.41 -30.95 -20.10
CA GLY B 318 1.10 -31.01 -21.52
C GLY B 318 1.26 -29.70 -22.27
N ILE B 319 2.18 -28.85 -21.84
CA ILE B 319 2.46 -27.60 -22.55
C ILE B 319 3.58 -27.88 -23.54
N SER B 320 3.27 -27.78 -24.83
N SER B 320 3.28 -27.79 -24.83
CA SER B 320 4.27 -28.11 -25.83
CA SER B 320 4.28 -28.12 -25.82
C SER B 320 5.25 -26.96 -26.04
C SER B 320 5.25 -26.95 -26.03
N PRO B 321 6.47 -27.26 -26.48
CA PRO B 321 7.43 -26.19 -26.81
C PRO B 321 6.86 -25.20 -27.82
N THR B 322 7.29 -23.95 -27.71
CA THR B 322 6.90 -22.91 -28.65
C THR B 322 7.94 -22.67 -29.74
N LYS B 323 9.11 -23.26 -29.64
CA LYS B 323 10.17 -23.04 -30.61
C LYS B 323 10.93 -24.36 -30.81
N PRO B 324 11.68 -24.47 -31.90
CA PRO B 324 12.33 -25.76 -32.20
C PRO B 324 13.41 -26.10 -31.17
N LEU B 325 13.50 -27.38 -30.84
CA LEU B 325 14.57 -27.85 -29.98
C LEU B 325 15.87 -27.99 -30.78
N THR B 326 16.99 -27.69 -30.11
CA THR B 326 18.31 -27.84 -30.73
C THR B 326 19.18 -28.89 -30.07
N ALA B 327 18.77 -29.46 -28.94
CA ALA B 327 19.64 -30.40 -28.23
C ALA B 327 18.92 -31.66 -27.80
CL CL C . 26.59 -1.92 -4.88
#